data_2BTQ
#
_entry.id   2BTQ
#
_cell.length_a   154.398
_cell.length_b   154.398
_cell.length_c   256.330
_cell.angle_alpha   90.00
_cell.angle_beta   90.00
_cell.angle_gamma   120.00
#
_symmetry.space_group_name_H-M   'P 65 2 2'
#
loop_
_entity.id
_entity.type
_entity.pdbx_description
1 polymer 'TUBULIN BTUBA'
2 polymer 'TUBULIN BTUBB'
3 non-polymer "GUANOSINE-5'-DIPHOSPHATE"
4 non-polymer 'SULFATE ION'
#
loop_
_entity_poly.entity_id
_entity_poly.type
_entity_poly.pdbx_seq_one_letter_code
_entity_poly.pdbx_strand_id
1 'polypeptide(L)'
;MKVNNTIVVSIGQAGNQIAASFWKTVCLEHGIDPLTGQTAPGVAPRGNWSSFFSKLGESSSGSYVPRAIMVDLEPSVIDN
VKATSGSLFNPANLISRTEGAGGNFAVGYLGAGREVLPEVMSRLDYEIDKCDNVGGIIVLHAIGGGTGSGFGALLIESLK
EKYGEIPVLSCAVLPSPQVSSVVTEPYNTVFALNTLRRSADACLIFDNEALFDLAHRKWNIESPTVDDLNLLITEALAGI
TASMRFSGFLTVEISLRELLTNLVPQPSLHFLMCAFAPLTPPDRSKFEELGIEEMIKSLFDNGSVFAACSPMEGRFLSTA
VLYRGIMEDKPLADAALAAMREKLPLTYWIPTAFKIGYVEQPGISHRKSMVLLANNTEIARVLDRICHNFDKLWQRKAFA
NWYLNEGMSEEQINVLRASAQELVQSYQVAEESGAKAKVQDSAGDTGMRAAAAGVSDDARGSMSLRDLVDRRR
;
A
2 'polypeptide(L)'
;VREILSIHVGQCGNQIADSFWRLALREHGLTEAGTLKEGSNAAANSNMEVFFHKVRDGKYVPRAVLVDLEPGVIARIEGG
DMSQLFDESSIVRKIPGAANNWARGYNVEGEKVIDQIMNVIDSAVEKTKGLQGFLMTHSIGGGSGSGLGSLILERLRQAY
PKKRIFTFSVVPSPLISDSAVEPYNAILTLQRILDNADGAVLLDNEALFRIAKAKLNRSPNYMDLNNIIALIVSSVTASL
RFPGKLNTDLSEFVTNLVPFPGNHFLTASFAPMRGAGQEGQVRTNFPDLARETFAQDNFTAAIDWQQGVYLAASALFRGD
VKAKDVDENMATIRKSLNYASYMPASGGLKLGYAETAPEGFASSGLALVNHTGIAAVFERLIAQFDIMFDNHAYTHWYEN
AGVSRDMMAKARNQIATLAQSYRDAS
;
B
#
loop_
_chem_comp.id
_chem_comp.type
_chem_comp.name
_chem_comp.formula
GDP RNA linking GUANOSINE-5'-DIPHOSPHATE 'C10 H15 N5 O11 P2'
SO4 non-polymer 'SULFATE ION' 'O4 S -2'
#
# COMPACT_ATOMS: atom_id res chain seq x y z
N LYS A 2 0.39 -2.85 17.43
CA LYS A 2 0.32 -1.44 16.92
C LYS A 2 -0.39 -1.35 15.58
N VAL A 3 -1.41 -0.51 15.52
CA VAL A 3 -2.16 -0.33 14.28
C VAL A 3 -2.55 1.14 14.13
N ASN A 4 -2.99 1.55 12.94
CA ASN A 4 -3.39 2.93 12.71
C ASN A 4 -4.73 3.22 13.33
N ASN A 5 -4.96 4.47 13.67
CA ASN A 5 -6.25 4.83 14.26
C ASN A 5 -7.09 5.62 13.27
N THR A 6 -8.40 5.48 13.41
CA THR A 6 -9.31 6.18 12.54
C THR A 6 -10.45 6.80 13.32
N ILE A 7 -10.68 8.10 13.12
CA ILE A 7 -11.73 8.81 13.82
C ILE A 7 -12.83 9.12 12.81
N VAL A 8 -14.09 8.91 13.18
CA VAL A 8 -15.18 9.18 12.25
C VAL A 8 -16.15 10.28 12.66
N VAL A 9 -15.99 11.45 12.06
CA VAL A 9 -16.85 12.59 12.35
C VAL A 9 -18.04 12.56 11.39
N SER A 10 -19.24 12.45 11.96
CA SER A 10 -20.45 12.42 11.15
C SER A 10 -21.27 13.69 11.33
N ILE A 11 -21.26 14.52 10.28
CA ILE A 11 -21.95 15.80 10.26
C ILE A 11 -23.34 15.72 9.63
N GLY A 12 -24.29 16.46 10.17
CA GLY A 12 -25.62 16.45 9.58
C GLY A 12 -26.59 15.40 10.07
N GLN A 13 -27.70 15.26 9.36
CA GLN A 13 -28.72 14.29 9.73
C GLN A 13 -28.44 12.94 9.13
N ALA A 14 -28.43 12.87 7.81
CA ALA A 14 -28.16 11.62 7.09
C ALA A 14 -26.85 11.06 7.58
N GLY A 15 -25.83 11.91 7.61
CA GLY A 15 -24.52 11.47 8.07
C GLY A 15 -24.64 10.76 9.39
N ASN A 16 -25.28 11.41 10.34
CA ASN A 16 -25.44 10.83 11.66
C ASN A 16 -26.30 9.58 11.71
N GLN A 17 -27.28 9.48 10.83
CA GLN A 17 -28.11 8.31 10.85
C GLN A 17 -27.29 7.14 10.31
N ILE A 18 -26.54 7.39 9.24
CA ILE A 18 -25.69 6.37 8.64
C ILE A 18 -24.66 5.98 9.70
N ALA A 19 -24.05 6.98 10.32
CA ALA A 19 -23.04 6.79 11.34
C ALA A 19 -23.52 5.92 12.49
N ALA A 20 -24.75 6.13 12.91
CA ALA A 20 -25.28 5.35 14.00
C ALA A 20 -25.32 3.87 13.63
N SER A 21 -25.81 3.58 12.43
CA SER A 21 -25.92 2.21 11.92
C SER A 21 -24.53 1.62 11.82
N PHE A 22 -23.65 2.33 11.14
CA PHE A 22 -22.26 1.90 10.99
C PHE A 22 -21.73 1.42 12.32
N TRP A 23 -21.68 2.32 13.30
CA TRP A 23 -21.18 1.99 14.62
C TRP A 23 -21.83 0.80 15.29
N LYS A 24 -23.13 0.61 15.13
CA LYS A 24 -23.74 -0.55 15.76
C LYS A 24 -23.23 -1.80 15.08
N THR A 25 -23.14 -1.75 13.76
CA THR A 25 -22.68 -2.87 12.97
C THR A 25 -21.26 -3.25 13.37
N VAL A 26 -20.35 -2.28 13.32
CA VAL A 26 -18.96 -2.54 13.66
C VAL A 26 -18.90 -3.10 15.08
N CYS A 27 -19.70 -2.53 15.96
CA CYS A 27 -19.72 -3.01 17.33
C CYS A 27 -19.96 -4.50 17.33
N LEU A 28 -21.00 -4.92 16.61
CA LEU A 28 -21.33 -6.31 16.56
C LEU A 28 -20.25 -7.15 15.86
N GLU A 29 -19.61 -6.63 14.82
CA GLU A 29 -18.58 -7.42 14.17
C GLU A 29 -17.46 -7.76 15.14
N HIS A 30 -17.07 -6.77 15.95
CA HIS A 30 -15.97 -6.99 16.88
C HIS A 30 -16.36 -7.70 18.17
N GLY A 31 -17.63 -7.98 18.37
CA GLY A 31 -18.05 -8.65 19.59
C GLY A 31 -18.17 -7.70 20.77
N ILE A 32 -18.73 -6.52 20.53
CA ILE A 32 -18.92 -5.49 21.55
C ILE A 32 -20.40 -5.11 21.61
N ASP A 33 -20.99 -5.12 22.80
CA ASP A 33 -22.39 -4.74 22.93
C ASP A 33 -22.53 -3.27 22.51
N PRO A 34 -23.34 -2.99 21.47
CA PRO A 34 -23.55 -1.64 20.94
C PRO A 34 -24.36 -0.69 21.82
N LEU A 35 -24.54 -1.07 23.09
CA LEU A 35 -25.28 -0.24 24.06
C LEU A 35 -24.51 -0.08 25.34
N THR A 36 -23.36 -0.74 25.45
CA THR A 36 -22.58 -0.66 26.67
C THR A 36 -21.10 -0.55 26.42
N GLY A 37 -20.69 -0.82 25.19
CA GLY A 37 -19.29 -0.75 24.84
C GLY A 37 -18.49 -1.86 25.48
N GLN A 38 -19.20 -2.79 26.10
CA GLN A 38 -18.55 -3.92 26.76
C GLN A 38 -18.56 -5.19 25.93
N THR A 39 -17.57 -6.04 26.18
CA THR A 39 -17.42 -7.33 25.50
C THR A 39 -17.30 -8.41 26.57
N ALA A 40 -17.15 -9.67 26.16
CA ALA A 40 -17.02 -10.77 27.11
C ALA A 40 -15.93 -10.50 28.15
N PRO A 41 -16.27 -10.69 29.43
CA PRO A 41 -15.29 -10.45 30.49
C PRO A 41 -14.04 -11.28 30.33
N GLY A 42 -12.89 -10.63 30.51
CA GLY A 42 -11.62 -11.32 30.44
C GLY A 42 -10.92 -11.39 29.10
N VAL A 43 -11.68 -11.15 28.03
CA VAL A 43 -11.11 -11.20 26.69
C VAL A 43 -11.25 -9.85 26.01
N ALA A 44 -10.50 -9.65 24.92
CA ALA A 44 -10.57 -8.40 24.18
C ALA A 44 -11.39 -8.63 22.93
N PRO A 45 -12.03 -7.58 22.42
CA PRO A 45 -12.85 -7.72 21.21
C PRO A 45 -12.08 -8.29 20.01
N ARG A 46 -12.81 -8.95 19.11
CA ARG A 46 -12.22 -9.55 17.92
C ARG A 46 -11.51 -8.49 17.09
N GLY A 47 -10.54 -8.94 16.30
CA GLY A 47 -9.80 -8.07 15.41
C GLY A 47 -9.01 -6.95 16.06
N ASN A 48 -8.64 -5.95 15.27
CA ASN A 48 -7.88 -4.80 15.74
C ASN A 48 -8.85 -3.71 16.15
N TRP A 49 -9.54 -3.91 17.27
CA TRP A 49 -10.50 -2.95 17.79
C TRP A 49 -9.86 -1.59 18.05
N SER A 50 -8.59 -1.60 18.42
CA SER A 50 -7.84 -0.38 18.69
C SER A 50 -7.98 0.59 17.53
N SER A 51 -8.24 0.03 16.36
CA SER A 51 -8.40 0.80 15.14
C SER A 51 -9.49 1.86 15.25
N PHE A 52 -10.74 1.41 15.40
CA PHE A 52 -11.87 2.32 15.49
C PHE A 52 -12.39 2.54 16.90
N PHE A 53 -11.92 1.74 17.85
CA PHE A 53 -12.39 1.89 19.22
C PHE A 53 -11.27 2.31 20.15
N SER A 54 -11.67 2.89 21.27
CA SER A 54 -10.75 3.36 22.26
C SER A 54 -11.01 2.58 23.54
N LYS A 55 -9.94 2.29 24.28
CA LYS A 55 -10.04 1.53 25.52
C LYS A 55 -10.28 2.42 26.73
N LEU A 56 -11.36 2.15 27.46
CA LEU A 56 -11.70 2.93 28.64
C LEU A 56 -11.68 2.01 29.85
N GLY A 57 -10.89 2.38 30.86
CA GLY A 57 -10.79 1.55 32.05
C GLY A 57 -9.53 0.72 31.92
N GLU A 58 -9.34 -0.27 32.78
CA GLU A 58 -8.14 -1.07 32.68
C GLU A 58 -8.34 -2.56 32.99
N SER A 59 -9.38 -2.87 33.74
CA SER A 59 -9.66 -4.26 34.09
C SER A 59 -10.40 -4.97 32.96
N SER A 60 -11.60 -5.44 33.26
CA SER A 60 -12.44 -6.11 32.29
C SER A 60 -13.77 -5.37 32.32
N SER A 61 -13.95 -4.58 33.38
CA SER A 61 -15.15 -3.76 33.56
C SER A 61 -14.96 -2.63 32.54
N GLY A 62 -13.79 -2.65 31.91
CA GLY A 62 -13.45 -1.66 30.91
C GLY A 62 -14.39 -1.74 29.72
N SER A 63 -14.64 -0.58 29.13
CA SER A 63 -15.52 -0.47 27.99
C SER A 63 -14.70 -0.01 26.80
N TYR A 64 -15.27 -0.15 25.61
CA TYR A 64 -14.61 0.30 24.39
C TYR A 64 -15.51 1.37 23.80
N VAL A 65 -14.93 2.50 23.40
CA VAL A 65 -15.73 3.56 22.84
C VAL A 65 -15.28 4.04 21.48
N PRO A 66 -16.22 4.09 20.52
CA PRO A 66 -15.93 4.52 19.17
C PRO A 66 -15.06 5.77 19.13
N ARG A 67 -14.25 5.87 18.08
CA ARG A 67 -13.42 7.04 17.88
C ARG A 67 -14.27 7.85 16.91
N ALA A 68 -15.43 8.26 17.40
CA ALA A 68 -16.38 9.02 16.59
C ALA A 68 -16.92 10.26 17.25
N ILE A 69 -17.19 11.26 16.42
CA ILE A 69 -17.74 12.53 16.86
C ILE A 69 -18.97 12.81 16.01
N MET A 70 -20.10 13.09 16.64
CA MET A 70 -21.30 13.38 15.89
C MET A 70 -21.66 14.85 16.05
N VAL A 71 -21.80 15.56 14.94
CA VAL A 71 -22.14 16.99 14.97
C VAL A 71 -23.39 17.27 14.16
N ASP A 72 -24.24 18.17 14.63
CA ASP A 72 -25.46 18.51 13.91
C ASP A 72 -26.10 19.73 14.52
N LEU A 73 -26.57 20.65 13.68
CA LEU A 73 -27.18 21.88 14.20
C LEU A 73 -28.62 21.73 14.71
N GLU A 74 -29.14 20.52 14.68
CA GLU A 74 -30.49 20.21 15.12
C GLU A 74 -30.43 18.94 15.96
N PRO A 75 -31.12 18.91 17.11
CA PRO A 75 -31.17 17.79 18.04
C PRO A 75 -31.91 16.53 17.61
N SER A 76 -32.90 16.67 16.74
CA SER A 76 -33.70 15.54 16.28
C SER A 76 -32.96 14.19 16.17
N VAL A 77 -31.79 14.19 15.53
CA VAL A 77 -31.03 12.97 15.34
C VAL A 77 -30.05 12.59 16.43
N ILE A 78 -29.12 13.47 16.79
CA ILE A 78 -28.20 13.11 17.87
C ILE A 78 -29.01 12.68 19.11
N ASP A 79 -30.02 13.48 19.46
CA ASP A 79 -30.87 13.17 20.60
C ASP A 79 -31.36 11.75 20.52
N ASN A 80 -31.74 11.33 19.33
CA ASN A 80 -32.23 9.97 19.14
C ASN A 80 -31.10 8.95 19.28
N VAL A 81 -29.94 9.24 18.72
CA VAL A 81 -28.81 8.33 18.82
C VAL A 81 -28.56 8.04 20.31
N LYS A 82 -28.54 9.11 21.11
CA LYS A 82 -28.32 9.00 22.55
C LYS A 82 -29.34 8.07 23.20
N ALA A 83 -30.57 8.15 22.71
CA ALA A 83 -31.65 7.35 23.24
C ALA A 83 -31.43 5.88 22.91
N THR A 84 -31.10 5.63 21.65
CA THR A 84 -30.90 4.28 21.14
C THR A 84 -29.51 3.66 21.28
N SER A 85 -28.52 4.43 21.73
CA SER A 85 -27.17 3.85 21.78
C SER A 85 -26.63 3.48 23.16
N GLY A 86 -27.44 3.61 24.21
CA GLY A 86 -26.91 3.30 25.53
C GLY A 86 -25.66 4.12 25.81
N SER A 87 -24.79 3.62 26.68
CA SER A 87 -23.57 4.35 27.01
C SER A 87 -22.45 4.13 26.00
N LEU A 88 -22.80 3.67 24.81
CA LEU A 88 -21.82 3.37 23.77
C LEU A 88 -20.80 4.47 23.49
N PHE A 89 -21.29 5.60 22.96
CA PHE A 89 -20.45 6.75 22.61
C PHE A 89 -20.05 7.61 23.78
N ASN A 90 -19.07 8.47 23.55
CA ASN A 90 -18.61 9.40 24.57
C ASN A 90 -19.56 10.57 24.48
N PRO A 91 -20.36 10.79 25.53
CA PRO A 91 -21.31 11.90 25.52
C PRO A 91 -20.78 13.25 25.05
N ALA A 92 -19.57 13.59 25.46
CA ALA A 92 -18.95 14.86 25.09
C ALA A 92 -18.51 14.86 23.65
N ASN A 93 -18.87 13.82 22.90
CA ASN A 93 -18.50 13.69 21.50
C ASN A 93 -19.74 13.74 20.63
N LEU A 94 -20.86 14.11 21.23
CA LEU A 94 -22.12 14.20 20.50
C LEU A 94 -22.61 15.63 20.47
N ILE A 95 -21.91 16.50 19.75
CA ILE A 95 -22.25 17.91 19.64
C ILE A 95 -23.56 18.17 18.88
N SER A 96 -24.45 18.94 19.48
CA SER A 96 -25.71 19.27 18.82
C SER A 96 -26.14 20.71 19.09
N ARG A 97 -27.06 21.21 18.27
CA ARG A 97 -27.56 22.57 18.42
C ARG A 97 -29.07 22.61 18.20
N THR A 98 -29.66 23.80 18.25
CA THR A 98 -31.11 23.92 18.15
C THR A 98 -31.77 24.50 16.91
N GLU A 99 -31.29 25.66 16.44
CA GLU A 99 -31.93 26.31 15.29
C GLU A 99 -31.88 25.60 13.95
N GLY A 100 -30.89 24.72 13.75
CA GLY A 100 -30.80 24.01 12.48
C GLY A 100 -30.12 24.88 11.43
N ALA A 101 -30.13 24.42 10.18
CA ALA A 101 -29.49 25.18 9.10
C ALA A 101 -30.42 25.53 7.96
N GLY A 102 -31.68 25.12 8.08
CA GLY A 102 -32.67 25.39 7.06
C GLY A 102 -32.21 25.07 5.64
N GLY A 103 -31.65 23.87 5.48
CA GLY A 103 -31.16 23.46 4.17
C GLY A 103 -30.30 24.54 3.54
N ASN A 104 -29.49 25.21 4.35
CA ASN A 104 -28.65 26.28 3.86
C ASN A 104 -27.15 26.08 4.04
N PHE A 105 -26.49 25.76 2.93
CA PHE A 105 -25.04 25.57 2.94
C PHE A 105 -24.46 26.80 3.62
N ALA A 106 -24.92 27.97 3.18
CA ALA A 106 -24.44 29.23 3.73
C ALA A 106 -24.50 29.26 5.25
N VAL A 107 -25.65 28.88 5.80
CA VAL A 107 -25.79 28.88 7.24
C VAL A 107 -24.74 28.01 7.92
N GLY A 108 -24.60 26.78 7.41
CA GLY A 108 -23.65 25.86 7.98
C GLY A 108 -22.20 26.20 7.73
N TYR A 109 -21.92 26.73 6.55
CA TYR A 109 -20.55 27.08 6.19
C TYR A 109 -20.00 28.33 6.86
N LEU A 110 -20.75 29.42 6.81
CA LEU A 110 -20.31 30.67 7.41
C LEU A 110 -21.42 31.37 8.18
N GLY A 111 -21.68 30.89 9.39
CA GLY A 111 -22.74 31.49 10.19
C GLY A 111 -23.02 30.63 11.40
N ALA A 112 -24.19 30.00 11.43
CA ALA A 112 -24.58 29.16 12.56
C ALA A 112 -23.58 28.02 12.81
N GLY A 113 -23.01 27.50 11.74
CA GLY A 113 -22.04 26.43 11.89
C GLY A 113 -20.71 26.99 12.35
N ARG A 114 -20.53 28.29 12.17
CA ARG A 114 -19.28 28.92 12.56
C ARG A 114 -19.18 28.92 14.08
N GLU A 115 -20.32 28.69 14.74
CA GLU A 115 -20.35 28.67 16.20
C GLU A 115 -20.00 27.32 16.78
N VAL A 116 -20.44 26.23 16.15
CA VAL A 116 -20.12 24.90 16.65
C VAL A 116 -18.70 24.47 16.36
N LEU A 117 -18.10 25.04 15.32
CA LEU A 117 -16.75 24.65 14.98
C LEU A 117 -15.88 24.47 16.23
N PRO A 118 -15.81 25.51 17.08
CA PRO A 118 -15.01 25.47 18.32
C PRO A 118 -15.17 24.20 19.16
N GLU A 119 -16.40 23.88 19.53
CA GLU A 119 -16.64 22.68 20.34
C GLU A 119 -16.18 21.45 19.55
N VAL A 120 -16.66 21.34 18.31
CA VAL A 120 -16.31 20.22 17.44
C VAL A 120 -14.80 20.03 17.37
N MET A 121 -14.06 21.12 17.16
CA MET A 121 -12.61 21.03 17.08
C MET A 121 -12.02 20.55 18.40
N SER A 122 -12.49 21.13 19.49
CA SER A 122 -11.99 20.75 20.81
C SER A 122 -12.03 19.24 20.90
N ARG A 123 -13.17 18.66 20.51
CA ARG A 123 -13.34 17.22 20.54
C ARG A 123 -12.34 16.49 19.66
N LEU A 124 -12.11 16.97 18.45
CA LEU A 124 -11.13 16.32 17.59
C LEU A 124 -9.78 16.28 18.28
N ASP A 125 -9.28 17.45 18.67
CA ASP A 125 -8.01 17.56 19.37
C ASP A 125 -7.92 16.46 20.41
N TYR A 126 -9.02 16.24 21.11
CA TYR A 126 -9.09 15.21 22.13
C TYR A 126 -8.94 13.84 21.50
N GLU A 127 -9.86 13.47 20.63
CA GLU A 127 -9.78 12.16 19.99
C GLU A 127 -8.49 11.97 19.20
N ILE A 128 -7.95 13.06 18.63
CA ILE A 128 -6.72 12.98 17.86
C ILE A 128 -5.55 12.64 18.78
N ASP A 129 -5.57 13.19 19.99
CA ASP A 129 -4.51 12.96 20.94
C ASP A 129 -4.48 11.56 21.53
N LYS A 130 -5.63 11.03 21.93
CA LYS A 130 -5.64 9.69 22.50
C LYS A 130 -5.37 8.60 21.48
N CYS A 131 -4.84 9.00 20.33
CA CYS A 131 -4.50 8.06 19.28
C CYS A 131 -3.01 7.77 19.33
N ASP A 132 -2.68 6.48 19.37
CA ASP A 132 -1.28 6.08 19.39
C ASP A 132 -0.78 6.57 18.04
N ASN A 133 -1.51 6.17 17.00
CA ASN A 133 -1.17 6.55 15.65
C ASN A 133 -2.37 6.86 14.79
N VAL A 134 -2.77 8.12 14.79
CA VAL A 134 -3.90 8.55 13.98
C VAL A 134 -3.43 8.30 12.54
N GLY A 135 -4.36 7.91 11.67
CA GLY A 135 -3.99 7.65 10.30
C GLY A 135 -5.08 7.92 9.29
N GLY A 136 -6.04 8.76 9.69
CA GLY A 136 -7.12 9.10 8.80
C GLY A 136 -8.38 9.50 9.54
N ILE A 137 -9.08 10.48 8.97
CA ILE A 137 -10.33 10.97 9.52
C ILE A 137 -11.37 10.83 8.42
N ILE A 138 -12.43 10.09 8.71
CA ILE A 138 -13.51 9.89 7.75
C ILE A 138 -14.65 10.83 8.09
N VAL A 139 -14.96 11.76 7.19
CA VAL A 139 -16.08 12.67 7.43
C VAL A 139 -17.29 12.09 6.72
N LEU A 140 -18.27 11.68 7.49
CA LEU A 140 -19.46 11.06 6.94
C LEU A 140 -20.57 12.11 6.90
N HIS A 141 -21.09 12.41 5.71
CA HIS A 141 -22.14 13.43 5.60
C HIS A 141 -22.90 13.43 4.28
N ALA A 142 -24.04 14.11 4.29
CA ALA A 142 -24.85 14.24 3.09
C ALA A 142 -24.66 15.67 2.54
N ILE A 143 -23.93 15.73 1.44
CA ILE A 143 -23.58 16.97 0.79
C ILE A 143 -24.83 17.72 0.24
N GLY A 144 -26.00 17.09 0.31
CA GLY A 144 -27.20 17.73 -0.22
C GLY A 144 -27.97 18.76 0.62
N GLY A 145 -27.84 18.71 1.93
CA GLY A 145 -28.57 19.63 2.79
C GLY A 145 -27.84 20.91 3.12
N GLY A 146 -28.00 21.40 4.35
CA GLY A 146 -27.35 22.62 4.77
C GLY A 146 -26.20 22.38 5.74
N THR A 147 -26.45 21.61 6.80
CA THR A 147 -25.44 21.30 7.80
C THR A 147 -24.30 20.45 7.26
N GLY A 148 -24.65 19.30 6.72
CA GLY A 148 -23.67 18.40 6.16
C GLY A 148 -22.86 19.06 5.07
N SER A 149 -23.53 19.83 4.23
CA SER A 149 -22.83 20.51 3.15
C SER A 149 -22.01 21.70 3.70
N GLY A 150 -22.67 22.51 4.52
CA GLY A 150 -22.03 23.69 5.09
C GLY A 150 -20.96 23.41 6.11
N PHE A 151 -21.37 22.91 7.27
CA PHE A 151 -20.40 22.61 8.31
C PHE A 151 -19.43 21.58 7.78
N GLY A 152 -19.95 20.66 6.97
CA GLY A 152 -19.11 19.64 6.37
C GLY A 152 -17.91 20.35 5.79
N ALA A 153 -18.12 21.10 4.74
CA ALA A 153 -17.04 21.83 4.10
C ALA A 153 -16.23 22.63 5.13
N LEU A 154 -16.91 23.37 6.01
CA LEU A 154 -16.20 24.16 7.00
C LEU A 154 -15.25 23.32 7.85
N LEU A 155 -15.77 22.21 8.36
CA LEU A 155 -14.99 21.32 9.20
C LEU A 155 -13.83 20.66 8.46
N ILE A 156 -14.01 20.36 7.17
CA ILE A 156 -12.93 19.72 6.44
C ILE A 156 -11.82 20.70 6.15
N GLU A 157 -12.18 21.96 5.99
CA GLU A 157 -11.19 22.99 5.68
C GLU A 157 -10.36 23.38 6.88
N SER A 158 -10.96 23.42 8.05
CA SER A 158 -10.19 23.76 9.24
C SER A 158 -9.40 22.54 9.67
N LEU A 159 -9.90 21.37 9.33
CA LEU A 159 -9.26 20.11 9.69
C LEU A 159 -8.00 19.93 8.87
N LYS A 160 -7.94 20.58 7.71
CA LYS A 160 -6.75 20.46 6.88
C LYS A 160 -5.80 21.62 7.05
N GLU A 161 -6.20 22.59 7.87
CA GLU A 161 -5.36 23.74 8.13
C GLU A 161 -4.62 23.49 9.43
N LYS A 162 -5.39 23.16 10.48
CA LYS A 162 -4.79 22.88 11.79
C LYS A 162 -3.95 21.60 11.76
N TYR A 163 -4.55 20.53 11.25
CA TYR A 163 -3.85 19.27 11.14
C TYR A 163 -3.30 19.19 9.73
N GLY A 164 -3.83 18.32 8.88
CA GLY A 164 -3.29 18.30 7.54
C GLY A 164 -2.31 17.20 7.23
N GLU A 165 -1.59 16.73 8.23
CA GLU A 165 -0.67 15.63 7.99
C GLU A 165 -1.56 14.37 8.02
N ILE A 166 -2.79 14.56 8.49
CA ILE A 166 -3.78 13.49 8.59
C ILE A 166 -4.61 13.44 7.32
N PRO A 167 -4.85 12.21 6.78
CA PRO A 167 -5.64 12.07 5.56
C PRO A 167 -7.13 12.20 5.89
N VAL A 168 -7.88 12.82 4.97
CA VAL A 168 -9.30 12.96 5.18
C VAL A 168 -10.11 12.40 4.04
N LEU A 169 -10.88 11.36 4.33
CA LEU A 169 -11.71 10.74 3.32
C LEU A 169 -13.14 11.14 3.61
N SER A 170 -13.76 11.82 2.65
CA SER A 170 -15.15 12.24 2.80
C SER A 170 -16.07 11.20 2.18
N CYS A 171 -17.15 10.87 2.87
CA CYS A 171 -18.11 9.92 2.31
C CYS A 171 -19.37 10.75 2.13
N ALA A 172 -19.47 11.36 0.95
CA ALA A 172 -20.56 12.27 0.60
C ALA A 172 -21.79 11.66 -0.04
N VAL A 173 -22.93 11.75 0.64
CA VAL A 173 -24.16 11.20 0.07
C VAL A 173 -24.79 12.23 -0.83
N LEU A 174 -24.92 11.88 -2.10
CA LEU A 174 -25.54 12.78 -3.05
C LEU A 174 -27.05 12.62 -2.98
N PRO A 175 -27.80 13.71 -3.20
CA PRO A 175 -29.27 13.75 -3.17
C PRO A 175 -29.91 13.28 -4.48
N SER A 176 -31.16 12.84 -4.40
CA SER A 176 -31.89 12.38 -5.58
C SER A 176 -33.37 12.78 -5.52
N PRO A 177 -34.04 12.83 -6.69
CA PRO A 177 -35.46 13.20 -6.82
C PRO A 177 -36.37 12.36 -5.96
N GLN A 178 -36.24 11.04 -6.08
CA GLN A 178 -37.06 10.11 -5.32
C GLN A 178 -36.81 10.12 -3.82
N VAL A 179 -36.29 11.23 -3.30
CA VAL A 179 -36.02 11.35 -1.87
C VAL A 179 -35.60 12.78 -1.47
N SER A 180 -35.60 13.69 -2.44
CA SER A 180 -35.20 15.09 -2.20
C SER A 180 -35.95 15.70 -1.03
N SER A 181 -35.36 16.75 -0.46
CA SER A 181 -35.95 17.42 0.67
C SER A 181 -35.89 18.94 0.56
N VAL A 182 -35.13 19.45 -0.41
CA VAL A 182 -35.01 20.89 -0.59
C VAL A 182 -34.73 21.18 -2.06
N VAL A 183 -35.49 22.09 -2.66
CA VAL A 183 -35.28 22.40 -4.06
C VAL A 183 -33.90 22.89 -4.36
N THR A 184 -33.15 23.28 -3.33
CA THR A 184 -31.81 23.79 -3.55
C THR A 184 -30.68 22.80 -3.37
N GLU A 185 -31.02 21.51 -3.32
CA GLU A 185 -30.01 20.48 -3.16
C GLU A 185 -28.81 20.71 -4.09
N PRO A 186 -29.07 21.12 -5.36
CA PRO A 186 -27.94 21.35 -6.26
C PRO A 186 -27.06 22.52 -5.86
N TYR A 187 -27.61 23.49 -5.14
CA TYR A 187 -26.80 24.62 -4.71
C TYR A 187 -25.85 24.10 -3.66
N ASN A 188 -26.43 23.56 -2.59
CA ASN A 188 -25.67 23.02 -1.48
C ASN A 188 -24.59 22.07 -1.96
N THR A 189 -24.99 21.08 -2.75
CA THR A 189 -24.03 20.11 -3.27
C THR A 189 -22.91 20.82 -3.99
N VAL A 190 -23.22 21.53 -5.07
CA VAL A 190 -22.17 22.22 -5.81
C VAL A 190 -21.21 22.99 -4.89
N PHE A 191 -21.76 23.65 -3.88
CA PHE A 191 -20.94 24.41 -2.95
C PHE A 191 -19.99 23.51 -2.16
N ALA A 192 -20.54 22.48 -1.54
CA ALA A 192 -19.70 21.57 -0.75
C ALA A 192 -18.71 20.85 -1.64
N LEU A 193 -19.12 20.57 -2.88
CA LEU A 193 -18.23 19.89 -3.80
C LEU A 193 -16.91 20.60 -3.89
N ASN A 194 -16.96 21.91 -4.13
CA ASN A 194 -15.74 22.69 -4.23
C ASN A 194 -14.75 22.35 -3.12
N THR A 195 -15.22 22.31 -1.88
CA THR A 195 -14.29 21.97 -0.79
C THR A 195 -13.86 20.53 -0.90
N LEU A 196 -14.83 19.62 -1.04
CA LEU A 196 -14.48 18.23 -1.18
C LEU A 196 -13.38 18.15 -2.19
N ARG A 197 -13.58 18.78 -3.34
CA ARG A 197 -12.58 18.79 -4.38
C ARG A 197 -11.22 19.31 -3.94
N ARG A 198 -11.20 20.47 -3.32
CA ARG A 198 -9.94 21.09 -2.92
C ARG A 198 -9.31 20.72 -1.59
N SER A 199 -10.11 20.36 -0.58
CA SER A 199 -9.52 20.07 0.71
C SER A 199 -9.52 18.63 1.24
N ALA A 200 -10.29 17.73 0.63
CA ALA A 200 -10.30 16.35 1.12
C ALA A 200 -9.25 15.59 0.36
N ASP A 201 -8.86 14.41 0.85
CA ASP A 201 -7.84 13.63 0.15
C ASP A 201 -8.48 12.71 -0.87
N ALA A 202 -9.77 12.44 -0.67
CA ALA A 202 -10.55 11.59 -1.56
C ALA A 202 -11.99 11.63 -1.07
N CYS A 203 -12.91 11.59 -2.03
CA CYS A 203 -14.32 11.62 -1.68
C CYS A 203 -14.99 10.38 -2.25
N LEU A 204 -15.56 9.57 -1.37
CA LEU A 204 -16.26 8.36 -1.80
C LEU A 204 -17.70 8.85 -1.96
N ILE A 205 -18.21 8.87 -3.18
CA ILE A 205 -19.57 9.35 -3.44
C ILE A 205 -20.70 8.34 -3.32
N PHE A 206 -21.70 8.65 -2.50
CA PHE A 206 -22.85 7.76 -2.35
C PHE A 206 -24.08 8.41 -3.00
N ASP A 207 -24.35 8.05 -4.25
CA ASP A 207 -25.47 8.61 -4.98
C ASP A 207 -26.77 7.94 -4.57
N ASN A 208 -27.65 8.71 -3.94
CA ASN A 208 -28.92 8.19 -3.48
C ASN A 208 -29.86 7.64 -4.56
N GLU A 209 -29.78 8.18 -5.75
CA GLU A 209 -30.62 7.68 -6.84
C GLU A 209 -30.30 6.22 -7.02
N ALA A 210 -29.02 5.93 -7.19
CA ALA A 210 -28.58 4.56 -7.37
C ALA A 210 -29.01 3.69 -6.20
N LEU A 211 -28.84 4.21 -4.98
CA LEU A 211 -29.22 3.45 -3.82
C LEU A 211 -30.68 3.09 -3.86
N PHE A 212 -31.49 4.04 -4.32
CA PHE A 212 -32.92 3.82 -4.42
C PHE A 212 -33.19 2.67 -5.37
N ASP A 213 -32.76 2.82 -6.62
CA ASP A 213 -32.95 1.78 -7.63
C ASP A 213 -32.54 0.44 -7.06
N LEU A 214 -31.32 0.37 -6.53
CA LEU A 214 -30.81 -0.86 -5.94
C LEU A 214 -31.74 -1.44 -4.88
N ALA A 215 -31.98 -0.68 -3.83
CA ALA A 215 -32.85 -1.14 -2.76
C ALA A 215 -34.19 -1.57 -3.31
N HIS A 216 -34.55 -1.06 -4.49
CA HIS A 216 -35.84 -1.39 -5.10
C HIS A 216 -35.77 -2.53 -6.11
N ARG A 217 -34.62 -2.69 -6.75
CA ARG A 217 -34.43 -3.73 -7.76
C ARG A 217 -33.79 -4.98 -7.15
N LYS A 218 -32.50 -4.92 -6.84
CA LYS A 218 -31.80 -6.06 -6.28
C LYS A 218 -32.34 -6.49 -4.92
N TRP A 219 -32.87 -5.53 -4.15
CA TRP A 219 -33.44 -5.84 -2.84
C TRP A 219 -34.97 -5.85 -2.94
N ASN A 220 -35.46 -5.43 -4.10
CA ASN A 220 -36.89 -5.30 -4.41
C ASN A 220 -37.79 -4.91 -3.23
N ILE A 221 -37.80 -3.60 -2.99
CA ILE A 221 -38.59 -3.00 -1.93
C ILE A 221 -39.57 -2.07 -2.65
N GLU A 222 -40.86 -2.34 -2.50
CA GLU A 222 -41.91 -1.54 -3.13
C GLU A 222 -41.54 -0.05 -3.15
N SER A 223 -41.46 0.55 -1.97
CA SER A 223 -41.11 1.97 -1.83
C SER A 223 -40.09 2.06 -0.70
N PRO A 224 -38.80 2.18 -1.07
CA PRO A 224 -37.65 2.29 -0.15
C PRO A 224 -37.63 3.56 0.68
N THR A 225 -37.26 3.40 1.94
CA THR A 225 -37.17 4.51 2.86
C THR A 225 -35.69 4.94 2.93
N VAL A 226 -35.42 6.12 3.48
CA VAL A 226 -34.04 6.55 3.58
C VAL A 226 -33.30 5.61 4.51
N ASP A 227 -34.04 4.87 5.33
CA ASP A 227 -33.42 3.90 6.22
C ASP A 227 -32.95 2.72 5.39
N ASP A 228 -33.76 2.33 4.41
CA ASP A 228 -33.39 1.23 3.52
C ASP A 228 -32.12 1.66 2.80
N LEU A 229 -32.18 2.84 2.19
CA LEU A 229 -31.05 3.38 1.46
C LEU A 229 -29.82 3.43 2.34
N ASN A 230 -29.99 3.85 3.59
CA ASN A 230 -28.88 3.96 4.51
C ASN A 230 -28.22 2.64 4.86
N LEU A 231 -29.01 1.57 4.93
CA LEU A 231 -28.44 0.28 5.25
C LEU A 231 -27.37 -0.12 4.23
N LEU A 232 -27.63 0.12 2.95
CA LEU A 232 -26.64 -0.21 1.92
C LEU A 232 -25.34 0.56 2.17
N ILE A 233 -25.47 1.86 2.42
CA ILE A 233 -24.29 2.69 2.67
C ILE A 233 -23.46 2.09 3.78
N THR A 234 -24.12 1.56 4.80
CA THR A 234 -23.41 0.95 5.92
C THR A 234 -22.67 -0.32 5.46
N GLU A 235 -23.39 -1.22 4.82
CA GLU A 235 -22.80 -2.46 4.32
C GLU A 235 -21.46 -2.15 3.64
N ALA A 236 -21.39 -1.02 2.96
CA ALA A 236 -20.15 -0.66 2.28
C ALA A 236 -19.14 -0.12 3.29
N LEU A 237 -19.50 0.94 4.00
CA LEU A 237 -18.59 1.52 4.96
C LEU A 237 -17.97 0.45 5.84
N ALA A 238 -18.80 -0.50 6.27
CA ALA A 238 -18.31 -1.59 7.10
C ALA A 238 -17.33 -2.40 6.29
N GLY A 239 -17.76 -2.81 5.10
CA GLY A 239 -16.92 -3.61 4.22
C GLY A 239 -15.63 -2.95 3.75
N ILE A 240 -15.64 -1.62 3.65
CA ILE A 240 -14.44 -0.93 3.21
C ILE A 240 -13.50 -0.85 4.38
N THR A 241 -14.02 -0.42 5.52
CA THR A 241 -13.21 -0.28 6.74
C THR A 241 -12.77 -1.62 7.34
N ALA A 242 -13.35 -2.72 6.87
CA ALA A 242 -12.95 -4.03 7.39
C ALA A 242 -11.46 -4.23 7.20
N SER A 243 -10.94 -3.74 6.07
CA SER A 243 -9.52 -3.89 5.79
C SER A 243 -8.66 -3.14 6.79
N MET A 244 -9.30 -2.44 7.71
CA MET A 244 -8.56 -1.68 8.70
C MET A 244 -8.83 -2.27 10.07
N ARG A 245 -10.08 -2.66 10.28
CA ARG A 245 -10.51 -3.24 11.55
C ARG A 245 -10.09 -4.70 11.77
N PHE A 246 -9.99 -5.47 10.71
CA PHE A 246 -9.57 -6.86 10.85
C PHE A 246 -8.28 -7.14 10.11
N SER A 247 -7.64 -8.24 10.45
CA SER A 247 -6.36 -8.61 9.86
C SER A 247 -6.44 -9.40 8.56
N GLY A 248 -5.44 -9.24 7.70
CA GLY A 248 -5.40 -9.96 6.44
C GLY A 248 -4.63 -11.26 6.59
N PHE A 249 -4.18 -11.83 5.48
CA PHE A 249 -3.42 -13.09 5.52
C PHE A 249 -1.93 -12.76 5.64
N LEU A 250 -1.46 -11.85 4.79
CA LEU A 250 -0.06 -11.45 4.80
C LEU A 250 0.15 -10.06 5.40
N THR A 251 -0.92 -9.28 5.49
CA THR A 251 -0.85 -7.94 6.06
C THR A 251 -1.78 -7.94 7.26
N VAL A 252 -1.52 -7.07 8.22
CA VAL A 252 -2.37 -7.00 9.39
C VAL A 252 -3.41 -5.89 9.23
N GLU A 253 -3.13 -4.97 8.32
CA GLU A 253 -4.01 -3.84 8.10
C GLU A 253 -3.60 -3.06 6.88
N ILE A 254 -4.58 -2.60 6.10
CA ILE A 254 -4.30 -1.76 4.93
C ILE A 254 -4.75 -0.36 5.37
N SER A 255 -3.83 0.60 5.36
CA SER A 255 -4.17 1.95 5.79
C SER A 255 -5.01 2.75 4.81
N LEU A 256 -5.87 3.61 5.36
CA LEU A 256 -6.73 4.48 4.56
C LEU A 256 -5.75 5.21 3.66
N ARG A 257 -4.58 5.54 4.21
CA ARG A 257 -3.57 6.23 3.44
C ARG A 257 -3.15 5.36 2.27
N GLU A 258 -2.65 4.17 2.57
CA GLU A 258 -2.23 3.23 1.52
C GLU A 258 -3.35 3.13 0.50
N LEU A 259 -4.51 2.74 0.99
CA LEU A 259 -5.69 2.59 0.15
C LEU A 259 -5.89 3.81 -0.76
N LEU A 260 -5.79 5.02 -0.20
CA LEU A 260 -5.99 6.21 -1.00
C LEU A 260 -4.84 6.58 -1.93
N THR A 261 -3.59 6.47 -1.48
CA THR A 261 -2.50 6.85 -2.36
C THR A 261 -2.54 6.01 -3.61
N ASN A 262 -3.24 4.89 -3.57
CA ASN A 262 -3.30 4.02 -4.72
C ASN A 262 -4.40 4.37 -5.70
N LEU A 263 -5.54 4.75 -5.15
CA LEU A 263 -6.72 5.11 -5.92
C LEU A 263 -6.73 6.52 -6.52
N VAL A 264 -6.04 7.45 -5.88
CA VAL A 264 -6.03 8.84 -6.30
C VAL A 264 -4.78 9.28 -7.05
N PRO A 265 -4.79 9.22 -8.39
CA PRO A 265 -3.63 9.63 -9.18
C PRO A 265 -3.38 11.13 -9.23
N GLN A 266 -4.45 11.92 -9.20
CA GLN A 266 -4.30 13.37 -9.22
C GLN A 266 -5.22 14.01 -8.19
N PRO A 267 -4.82 15.16 -7.64
CA PRO A 267 -5.52 15.96 -6.64
C PRO A 267 -7.01 16.16 -6.90
N SER A 268 -7.36 16.56 -8.11
CA SER A 268 -8.78 16.75 -8.41
C SER A 268 -9.44 15.51 -9.04
N LEU A 269 -8.75 14.37 -8.96
CA LEU A 269 -9.29 13.12 -9.49
C LEU A 269 -9.34 12.14 -8.35
N HIS A 270 -9.95 12.55 -7.25
CA HIS A 270 -10.05 11.71 -6.08
C HIS A 270 -11.49 11.44 -5.70
N PHE A 271 -12.36 11.28 -6.69
CA PHE A 271 -13.77 11.00 -6.42
C PHE A 271 -14.08 9.55 -6.72
N LEU A 272 -14.17 8.75 -5.65
CA LEU A 272 -14.40 7.32 -5.76
C LEU A 272 -15.84 6.82 -5.82
N MET A 273 -16.00 5.61 -6.34
CA MET A 273 -17.29 4.92 -6.47
C MET A 273 -17.14 3.62 -5.72
N CYS A 274 -18.25 2.94 -5.45
CA CYS A 274 -18.15 1.66 -4.77
C CYS A 274 -19.32 0.77 -5.17
N ALA A 275 -19.07 -0.53 -5.19
CA ALA A 275 -20.10 -1.50 -5.55
C ALA A 275 -20.06 -2.57 -4.48
N PHE A 276 -21.16 -3.31 -4.33
CA PHE A 276 -21.19 -4.33 -3.30
C PHE A 276 -21.74 -5.68 -3.76
N ALA A 277 -21.47 -6.70 -2.97
CA ALA A 277 -21.94 -8.05 -3.25
C ALA A 277 -21.68 -8.91 -2.03
N PRO A 278 -22.61 -9.81 -1.72
CA PRO A 278 -23.84 -10.03 -2.48
C PRO A 278 -24.93 -9.05 -2.12
N LEU A 279 -25.73 -8.68 -3.10
CA LEU A 279 -26.86 -7.78 -2.89
C LEU A 279 -28.13 -8.64 -2.87
N THR A 280 -28.31 -9.36 -1.77
CA THR A 280 -29.46 -10.23 -1.58
C THR A 280 -30.41 -9.60 -0.58
N PRO A 281 -31.67 -9.40 -0.99
CA PRO A 281 -32.65 -8.79 -0.09
C PRO A 281 -32.64 -9.44 1.30
N PRO A 282 -32.77 -8.62 2.36
CA PRO A 282 -32.78 -9.05 3.76
C PRO A 282 -33.81 -10.15 4.09
N ASP A 283 -34.41 -10.69 3.03
CA ASP A 283 -35.41 -11.75 3.15
C ASP A 283 -34.77 -13.02 3.72
N GLU A 289 -28.50 -18.36 -2.12
CA GLU A 289 -27.14 -17.85 -1.99
C GLU A 289 -26.35 -17.88 -3.32
N LEU A 290 -25.36 -17.00 -3.43
CA LEU A 290 -24.53 -16.90 -4.64
C LEU A 290 -23.12 -17.46 -4.44
N GLY A 291 -22.45 -17.68 -5.56
CA GLY A 291 -21.11 -18.23 -5.52
C GLY A 291 -20.04 -17.25 -5.97
N ILE A 292 -19.00 -17.14 -5.16
CA ILE A 292 -17.87 -16.27 -5.43
C ILE A 292 -17.82 -15.74 -6.85
N GLU A 293 -17.71 -16.65 -7.80
CA GLU A 293 -17.61 -16.29 -9.21
C GLU A 293 -18.69 -15.31 -9.65
N GLU A 294 -19.92 -15.53 -9.23
CA GLU A 294 -21.03 -14.67 -9.59
C GLU A 294 -20.85 -13.29 -8.97
N MET A 295 -20.50 -13.27 -7.68
CA MET A 295 -20.31 -12.03 -6.96
C MET A 295 -19.25 -11.14 -7.61
N ILE A 296 -18.11 -11.71 -7.96
CA ILE A 296 -17.05 -10.95 -8.59
C ILE A 296 -17.57 -10.39 -9.90
N LYS A 297 -18.23 -11.24 -10.67
CA LYS A 297 -18.80 -10.83 -11.95
C LYS A 297 -19.77 -9.68 -11.77
N SER A 298 -20.64 -9.79 -10.77
CA SER A 298 -21.66 -8.77 -10.50
C SER A 298 -21.08 -7.46 -9.99
N LEU A 299 -19.92 -7.52 -9.35
CA LEU A 299 -19.33 -6.30 -8.84
C LEU A 299 -19.15 -5.29 -9.96
N PHE A 300 -18.87 -5.79 -11.16
CA PHE A 300 -18.64 -4.89 -12.25
C PHE A 300 -19.82 -4.64 -13.17
N ASP A 301 -21.00 -5.05 -12.75
CA ASP A 301 -22.21 -4.82 -13.53
C ASP A 301 -22.50 -3.32 -13.43
N ASN A 302 -23.10 -2.74 -14.46
CA ASN A 302 -23.39 -1.31 -14.44
C ASN A 302 -24.51 -0.94 -13.48
N GLY A 303 -25.20 -1.95 -12.97
CA GLY A 303 -26.30 -1.66 -12.06
C GLY A 303 -26.02 -2.06 -10.63
N SER A 304 -24.74 -2.04 -10.25
CA SER A 304 -24.35 -2.42 -8.90
C SER A 304 -23.54 -1.37 -8.18
N VAL A 305 -23.11 -0.34 -8.91
CA VAL A 305 -22.34 0.73 -8.30
C VAL A 305 -23.29 1.68 -7.62
N PHE A 306 -22.88 2.18 -6.47
CA PHE A 306 -23.71 3.11 -5.70
C PHE A 306 -23.56 4.52 -6.29
N ALA A 307 -23.73 4.61 -7.61
CA ALA A 307 -23.62 5.87 -8.33
C ALA A 307 -24.38 5.72 -9.62
N ALA A 308 -25.18 6.72 -9.98
CA ALA A 308 -25.96 6.66 -11.19
C ALA A 308 -25.13 6.81 -12.46
N CYS A 309 -24.29 5.83 -12.74
CA CYS A 309 -23.48 5.85 -13.97
C CYS A 309 -23.14 4.43 -14.39
N SER A 310 -22.35 4.32 -15.45
CA SER A 310 -21.97 3.01 -15.95
C SER A 310 -20.45 2.89 -16.06
N PRO A 311 -19.79 2.61 -14.94
CA PRO A 311 -18.33 2.50 -14.96
C PRO A 311 -17.76 1.80 -16.19
N MET A 312 -18.47 0.79 -16.67
CA MET A 312 -17.99 0.05 -17.84
C MET A 312 -17.93 0.84 -19.13
N GLU A 313 -18.69 1.93 -19.19
CA GLU A 313 -18.69 2.77 -20.37
C GLU A 313 -17.62 3.83 -20.21
N GLY A 314 -16.93 3.79 -19.08
CA GLY A 314 -15.89 4.75 -18.83
C GLY A 314 -14.55 4.07 -18.73
N ARG A 315 -13.58 4.75 -18.12
CA ARG A 315 -12.26 4.20 -17.93
C ARG A 315 -12.04 4.05 -16.45
N PHE A 316 -11.28 3.04 -16.05
CA PHE A 316 -10.98 2.87 -14.65
C PHE A 316 -9.59 3.47 -14.46
N LEU A 317 -9.50 4.47 -13.60
CA LEU A 317 -8.22 5.11 -13.36
C LEU A 317 -7.45 4.25 -12.38
N SER A 318 -8.19 3.59 -11.50
CA SER A 318 -7.59 2.76 -10.45
C SER A 318 -8.69 1.96 -9.74
N THR A 319 -8.47 0.67 -9.57
CA THR A 319 -9.45 -0.16 -8.92
C THR A 319 -8.96 -0.74 -7.60
N ALA A 320 -9.90 -1.27 -6.83
CA ALA A 320 -9.61 -1.87 -5.55
C ALA A 320 -10.77 -2.78 -5.19
N VAL A 321 -10.48 -4.08 -5.15
CA VAL A 321 -11.48 -5.07 -4.79
C VAL A 321 -11.10 -5.51 -3.42
N LEU A 322 -12.05 -5.49 -2.50
CA LEU A 322 -11.79 -5.89 -1.13
C LEU A 322 -12.71 -7.00 -0.67
N TYR A 323 -12.19 -8.23 -0.60
CA TYR A 323 -12.99 -9.39 -0.15
C TYR A 323 -12.92 -9.58 1.34
N ARG A 324 -13.82 -10.42 1.82
CA ARG A 324 -13.87 -10.82 3.21
C ARG A 324 -14.78 -12.04 3.24
N GLY A 325 -14.35 -13.06 3.97
CA GLY A 325 -15.09 -14.30 4.05
C GLY A 325 -14.30 -15.27 3.21
N ILE A 326 -13.69 -14.75 2.14
CA ILE A 326 -12.85 -15.55 1.23
C ILE A 326 -11.53 -15.89 1.88
N MET A 327 -11.23 -17.18 1.95
CA MET A 327 -9.99 -17.67 2.52
C MET A 327 -9.59 -18.91 1.76
N GLU A 328 -10.16 -20.05 2.16
CA GLU A 328 -9.87 -21.33 1.51
C GLU A 328 -10.06 -21.19 0.00
N ASP A 329 -11.24 -20.69 -0.39
CA ASP A 329 -11.61 -20.52 -1.79
C ASP A 329 -10.86 -19.41 -2.53
N LYS A 330 -9.84 -18.85 -1.91
CA LYS A 330 -9.08 -17.77 -2.53
C LYS A 330 -8.69 -18.03 -3.98
N PRO A 331 -8.04 -19.18 -4.24
CA PRO A 331 -7.62 -19.50 -5.61
C PRO A 331 -8.68 -19.16 -6.63
N LEU A 332 -9.81 -19.86 -6.53
CA LEU A 332 -10.92 -19.62 -7.44
C LEU A 332 -11.26 -18.14 -7.52
N ALA A 333 -11.32 -17.49 -6.36
CA ALA A 333 -11.66 -16.08 -6.29
C ALA A 333 -10.71 -15.22 -7.10
N ASP A 334 -9.41 -15.40 -6.90
CA ASP A 334 -8.44 -14.60 -7.64
C ASP A 334 -8.61 -14.86 -9.13
N ALA A 335 -8.71 -16.15 -9.46
CA ALA A 335 -8.89 -16.59 -10.82
C ALA A 335 -10.00 -15.82 -11.53
N ALA A 336 -11.12 -15.66 -10.84
CA ALA A 336 -12.26 -14.93 -11.41
C ALA A 336 -11.96 -13.45 -11.60
N LEU A 337 -11.63 -12.78 -10.51
CA LEU A 337 -11.33 -11.35 -10.55
C LEU A 337 -10.25 -11.13 -11.61
N ALA A 338 -9.30 -12.06 -11.69
CA ALA A 338 -8.24 -11.96 -12.66
C ALA A 338 -8.83 -11.85 -14.06
N ALA A 339 -9.77 -12.75 -14.35
CA ALA A 339 -10.42 -12.78 -15.65
C ALA A 339 -11.15 -11.46 -15.88
N MET A 340 -11.90 -11.04 -14.87
CA MET A 340 -12.63 -9.80 -14.93
C MET A 340 -11.69 -8.67 -15.33
N ARG A 341 -10.58 -8.56 -14.61
CA ARG A 341 -9.59 -7.53 -14.85
C ARG A 341 -9.28 -7.31 -16.33
N GLU A 342 -9.41 -8.35 -17.15
CA GLU A 342 -9.11 -8.20 -18.57
C GLU A 342 -10.19 -7.40 -19.30
N LYS A 343 -11.45 -7.64 -18.97
CA LYS A 343 -12.56 -6.96 -19.60
C LYS A 343 -12.69 -5.48 -19.21
N LEU A 344 -11.91 -5.07 -18.21
CA LEU A 344 -11.97 -3.69 -17.72
C LEU A 344 -11.23 -2.64 -18.56
N PRO A 345 -11.91 -1.51 -18.81
CA PRO A 345 -11.46 -0.34 -19.57
C PRO A 345 -10.49 0.46 -18.72
N LEU A 346 -9.24 0.55 -19.15
CA LEU A 346 -8.25 1.30 -18.38
C LEU A 346 -7.74 2.45 -19.22
N THR A 347 -6.87 3.27 -18.65
CA THR A 347 -6.29 4.39 -19.40
C THR A 347 -4.91 3.94 -19.86
N TYR A 348 -4.25 4.79 -20.62
CA TYR A 348 -2.92 4.41 -21.10
C TYR A 348 -1.88 4.89 -20.11
N TRP A 349 -2.17 6.01 -19.44
CA TRP A 349 -1.23 6.60 -18.51
C TRP A 349 -1.24 6.04 -17.08
N ILE A 350 -2.11 5.09 -16.80
CA ILE A 350 -2.13 4.44 -15.48
C ILE A 350 -2.38 2.98 -15.81
N PRO A 351 -1.47 2.39 -16.61
CA PRO A 351 -1.45 1.02 -17.11
C PRO A 351 -1.86 -0.03 -16.13
N THR A 352 -1.30 0.05 -14.93
CA THR A 352 -1.62 -0.94 -13.92
C THR A 352 -1.81 -0.27 -12.58
N ALA A 353 -2.93 -0.61 -11.93
CA ALA A 353 -3.31 -0.06 -10.63
C ALA A 353 -4.52 -0.86 -10.18
N PHE A 354 -4.29 -2.04 -9.61
CA PHE A 354 -5.39 -2.89 -9.19
C PHE A 354 -5.16 -3.50 -7.82
N LYS A 355 -5.57 -2.80 -6.77
CA LYS A 355 -5.39 -3.29 -5.41
C LYS A 355 -6.37 -4.40 -5.07
N ILE A 356 -5.91 -5.38 -4.31
CA ILE A 356 -6.78 -6.49 -3.90
C ILE A 356 -6.52 -6.81 -2.43
N GLY A 357 -7.57 -6.85 -1.63
CA GLY A 357 -7.38 -7.14 -0.23
C GLY A 357 -8.28 -8.20 0.34
N TYR A 358 -7.74 -9.04 1.22
CA TYR A 358 -8.53 -10.09 1.83
C TYR A 358 -8.60 -9.93 3.33
N VAL A 359 -9.74 -10.27 3.91
CA VAL A 359 -9.91 -10.22 5.34
C VAL A 359 -10.66 -11.48 5.68
N GLU A 360 -10.10 -12.26 6.59
CA GLU A 360 -10.71 -13.50 6.98
C GLU A 360 -12.09 -13.27 7.59
N GLN A 361 -12.18 -12.38 8.58
CA GLN A 361 -13.44 -12.08 9.25
C GLN A 361 -14.54 -11.53 8.36
N PRO A 362 -15.72 -12.16 8.36
CA PRO A 362 -16.82 -11.66 7.54
C PRO A 362 -17.66 -10.66 8.35
N GLY A 363 -18.65 -10.05 7.71
CA GLY A 363 -19.50 -9.10 8.43
C GLY A 363 -20.58 -9.86 9.18
N ILE A 364 -21.58 -9.16 9.71
CA ILE A 364 -22.62 -9.86 10.43
C ILE A 364 -23.72 -10.28 9.47
N SER A 365 -23.61 -9.83 8.22
CA SER A 365 -24.61 -10.14 7.19
C SER A 365 -24.33 -11.33 6.27
N HIS A 366 -23.16 -11.38 5.64
CA HIS A 366 -22.85 -12.50 4.74
C HIS A 366 -21.58 -13.24 5.10
N ARG A 367 -21.63 -14.56 4.98
CA ARG A 367 -20.47 -15.39 5.27
C ARG A 367 -19.32 -15.02 4.33
N LYS A 368 -19.68 -14.53 3.13
CA LYS A 368 -18.70 -14.11 2.11
C LYS A 368 -19.27 -12.92 1.36
N SER A 369 -18.43 -11.89 1.19
CA SER A 369 -18.85 -10.67 0.51
C SER A 369 -17.66 -9.92 -0.05
N MET A 370 -17.92 -8.81 -0.75
CA MET A 370 -16.82 -8.05 -1.33
C MET A 370 -17.24 -6.67 -1.76
N VAL A 371 -16.29 -5.74 -1.70
CA VAL A 371 -16.58 -4.37 -2.10
C VAL A 371 -15.66 -3.84 -3.17
N LEU A 372 -16.24 -3.20 -4.16
CA LEU A 372 -15.45 -2.60 -5.22
C LEU A 372 -15.36 -1.12 -4.94
N LEU A 373 -14.12 -0.62 -4.89
CA LEU A 373 -13.85 0.77 -4.63
C LEU A 373 -13.15 1.18 -5.91
N ALA A 374 -13.78 2.02 -6.72
CA ALA A 374 -13.14 2.37 -7.97
C ALA A 374 -13.12 3.86 -8.29
N ASN A 375 -12.03 4.29 -8.91
CA ASN A 375 -11.89 5.66 -9.31
C ASN A 375 -12.12 5.56 -10.80
N ASN A 376 -13.37 5.72 -11.19
CA ASN A 376 -13.78 5.60 -12.59
C ASN A 376 -14.24 6.95 -13.18
N THR A 377 -14.10 7.15 -14.48
CA THR A 377 -14.49 8.42 -15.09
C THR A 377 -15.98 8.68 -15.23
N GLU A 378 -16.81 7.64 -15.27
CA GLU A 378 -18.24 7.89 -15.38
C GLU A 378 -18.76 8.69 -14.17
N ILE A 379 -17.89 8.98 -13.21
CA ILE A 379 -18.31 9.75 -12.06
C ILE A 379 -18.55 11.18 -12.56
N ALA A 380 -17.90 11.51 -13.68
CA ALA A 380 -18.02 12.83 -14.29
C ALA A 380 -19.45 13.04 -14.75
N ARG A 381 -20.11 11.94 -15.11
CA ARG A 381 -21.48 12.00 -15.57
C ARG A 381 -22.38 12.39 -14.39
N VAL A 382 -22.13 11.80 -13.23
CA VAL A 382 -22.91 12.12 -12.03
C VAL A 382 -22.76 13.60 -11.69
N LEU A 383 -21.51 14.04 -11.65
CA LEU A 383 -21.19 15.43 -11.34
C LEU A 383 -21.83 16.41 -12.31
N ASP A 384 -21.99 16.00 -13.56
CA ASP A 384 -22.61 16.84 -14.57
C ASP A 384 -24.07 17.05 -14.19
N ARG A 385 -24.79 15.94 -14.02
CA ARG A 385 -26.19 15.98 -13.63
C ARG A 385 -26.40 17.02 -12.55
N ILE A 386 -25.49 17.05 -11.57
CA ILE A 386 -25.58 18.02 -10.50
C ILE A 386 -25.50 19.41 -11.09
N CYS A 387 -24.38 19.70 -11.76
CA CYS A 387 -24.16 21.00 -12.38
C CYS A 387 -25.33 21.51 -13.21
N HIS A 388 -25.95 20.61 -13.97
CA HIS A 388 -27.10 20.96 -14.79
C HIS A 388 -28.13 21.61 -13.87
N ASN A 389 -28.74 20.77 -13.04
CA ASN A 389 -29.75 21.21 -12.10
C ASN A 389 -29.36 22.48 -11.39
N PHE A 390 -28.06 22.61 -11.10
CA PHE A 390 -27.58 23.82 -10.44
C PHE A 390 -27.97 24.98 -11.33
N ASP A 391 -27.70 24.82 -12.62
CA ASP A 391 -27.99 25.84 -13.60
C ASP A 391 -29.49 26.12 -13.77
N LYS A 392 -30.30 25.08 -13.83
CA LYS A 392 -31.73 25.30 -13.95
C LYS A 392 -32.20 26.30 -12.89
N LEU A 393 -31.56 26.28 -11.72
CA LEU A 393 -31.93 27.20 -10.66
C LEU A 393 -31.21 28.52 -10.77
N TRP A 394 -29.89 28.50 -10.76
CA TRP A 394 -29.09 29.70 -10.81
C TRP A 394 -29.38 30.60 -12.00
N GLN A 395 -29.84 29.97 -13.07
CA GLN A 395 -30.17 30.66 -14.31
C GLN A 395 -31.24 31.69 -14.03
N ARG A 396 -32.25 31.26 -13.29
CA ARG A 396 -33.37 32.10 -12.90
C ARG A 396 -33.13 32.71 -11.51
N LYS A 397 -31.97 32.43 -10.94
CA LYS A 397 -31.60 32.92 -9.61
C LYS A 397 -32.60 32.55 -8.49
N ALA A 398 -33.24 31.39 -8.63
CA ALA A 398 -34.20 30.93 -7.64
C ALA A 398 -33.59 30.70 -6.25
N PHE A 399 -34.23 31.29 -5.25
CA PHE A 399 -33.80 31.16 -3.86
C PHE A 399 -32.40 31.67 -3.56
N ALA A 400 -31.71 32.15 -4.57
CA ALA A 400 -30.37 32.68 -4.36
C ALA A 400 -30.34 33.57 -3.12
N ASN A 401 -31.31 34.48 -3.04
CA ASN A 401 -31.39 35.43 -1.93
C ASN A 401 -31.15 34.85 -0.54
N TRP A 402 -31.69 33.65 -0.30
CA TRP A 402 -31.52 32.98 0.99
C TRP A 402 -30.05 32.83 1.31
N TYR A 403 -29.27 32.46 0.29
CA TYR A 403 -27.83 32.28 0.44
C TYR A 403 -27.06 33.59 0.37
N LEU A 404 -27.49 34.48 -0.52
CA LEU A 404 -26.82 35.77 -0.67
C LEU A 404 -26.93 36.53 0.65
N ASN A 405 -28.16 36.66 1.12
CA ASN A 405 -28.44 37.38 2.34
C ASN A 405 -28.06 36.59 3.59
N GLU A 406 -27.14 35.64 3.42
CA GLU A 406 -26.71 34.81 4.53
C GLU A 406 -25.19 34.70 4.56
N GLY A 407 -24.51 35.48 3.71
CA GLY A 407 -23.06 35.47 3.67
C GLY A 407 -22.44 35.49 2.30
N MET A 408 -22.99 34.69 1.38
CA MET A 408 -22.46 34.56 0.02
C MET A 408 -22.74 35.72 -0.94
N SER A 409 -22.16 35.61 -2.14
CA SER A 409 -22.31 36.61 -3.20
C SER A 409 -22.48 35.94 -4.55
N GLU A 410 -22.87 36.70 -5.55
CA GLU A 410 -23.04 36.14 -6.88
C GLU A 410 -21.69 35.67 -7.40
N GLU A 411 -20.68 36.52 -7.26
CA GLU A 411 -19.33 36.19 -7.72
C GLU A 411 -18.83 34.91 -7.04
N GLN A 412 -18.96 34.85 -5.72
CA GLN A 412 -18.54 33.68 -4.95
C GLN A 412 -19.29 32.43 -5.44
N ILE A 413 -20.60 32.57 -5.63
CA ILE A 413 -21.42 31.46 -6.11
C ILE A 413 -20.98 31.01 -7.51
N ASN A 414 -20.73 31.96 -8.39
CA ASN A 414 -20.33 31.58 -9.73
C ASN A 414 -19.03 30.81 -9.74
N VAL A 415 -18.06 31.28 -8.97
CA VAL A 415 -16.77 30.60 -8.91
C VAL A 415 -16.98 29.14 -8.51
N LEU A 416 -17.72 28.93 -7.43
CA LEU A 416 -17.99 27.58 -6.98
C LEU A 416 -18.53 26.76 -8.13
N ARG A 417 -19.52 27.29 -8.84
CA ARG A 417 -20.09 26.56 -9.97
C ARG A 417 -18.98 26.28 -10.98
N ALA A 418 -18.06 27.24 -11.10
CA ALA A 418 -16.93 27.12 -12.01
C ALA A 418 -16.03 25.95 -11.63
N SER A 419 -15.74 25.84 -10.34
CA SER A 419 -14.88 24.77 -9.84
C SER A 419 -15.51 23.46 -10.26
N ALA A 420 -16.76 23.26 -9.84
CA ALA A 420 -17.51 22.05 -10.18
C ALA A 420 -17.31 21.70 -11.66
N GLN A 421 -17.31 22.73 -12.51
CA GLN A 421 -17.11 22.48 -13.93
C GLN A 421 -15.72 21.90 -14.16
N GLU A 422 -14.69 22.59 -13.69
CA GLU A 422 -13.30 22.12 -13.84
C GLU A 422 -13.17 20.64 -13.45
N LEU A 423 -13.72 20.28 -12.29
CA LEU A 423 -13.68 18.92 -11.80
C LEU A 423 -14.26 18.02 -12.88
N VAL A 424 -15.48 18.31 -13.31
CA VAL A 424 -16.13 17.51 -14.33
C VAL A 424 -15.32 17.36 -15.61
N GLN A 425 -14.85 18.45 -16.18
CA GLN A 425 -14.07 18.33 -17.42
C GLN A 425 -12.78 17.59 -17.14
N SER A 426 -12.13 17.95 -16.04
CA SER A 426 -10.89 17.31 -15.64
C SER A 426 -10.95 15.79 -15.78
N TYR A 427 -11.99 15.18 -15.23
CA TYR A 427 -12.18 13.73 -15.30
C TYR A 427 -12.39 13.24 -16.72
N GLN A 428 -13.26 13.93 -17.48
CA GLN A 428 -13.56 13.56 -18.86
C GLN A 428 -12.27 13.45 -19.64
N VAL A 429 -11.48 14.51 -19.58
CA VAL A 429 -10.22 14.54 -20.26
C VAL A 429 -9.40 13.33 -19.83
N ALA A 430 -9.32 13.13 -18.52
CA ALA A 430 -8.56 12.02 -17.95
C ALA A 430 -8.72 10.74 -18.77
N GLU A 431 -9.92 10.49 -19.30
CA GLU A 431 -10.18 9.30 -20.09
C GLU A 431 -9.11 9.17 -21.17
N GLU A 432 -8.82 10.30 -21.80
CA GLU A 432 -7.86 10.37 -22.86
C GLU A 432 -6.44 10.52 -22.32
N SER A 433 -6.19 11.57 -21.54
CA SER A 433 -4.86 11.81 -21.01
C SER A 433 -4.79 12.37 -19.60
N GLY A 434 -3.80 11.89 -18.84
CA GLY A 434 -3.62 12.37 -17.48
C GLY A 434 -2.91 13.71 -17.53
N ALA A 435 -2.05 13.85 -18.54
CA ALA A 435 -1.31 15.08 -18.72
C ALA A 435 -2.26 16.24 -18.91
N LYS A 436 -3.29 16.02 -19.73
CA LYS A 436 -4.28 17.05 -20.02
C LYS A 436 -5.19 17.24 -18.80
N ALA A 437 -5.69 16.14 -18.26
CA ALA A 437 -6.55 16.22 -17.10
C ALA A 437 -5.91 17.13 -16.07
N LYS A 438 -4.59 17.19 -16.07
CA LYS A 438 -3.89 18.04 -15.13
C LYS A 438 -4.16 19.50 -15.45
N VAL A 439 -3.76 19.90 -16.65
CA VAL A 439 -3.92 21.28 -17.12
C VAL A 439 -5.32 21.84 -16.87
N GLN A 440 -6.33 20.97 -16.93
CA GLN A 440 -7.70 21.39 -16.71
C GLN A 440 -7.96 21.80 -15.27
N ASP A 441 -6.96 21.62 -14.41
CA ASP A 441 -7.08 21.97 -13.01
C ASP A 441 -6.79 23.45 -12.75
N SER A 442 -6.75 24.24 -13.82
CA SER A 442 -6.49 25.67 -13.72
C SER A 442 -6.61 26.37 -15.09
N ALA A 443 -5.67 26.29 -15.90
N ARG B 2 36.09 -10.62 10.52
CA ARG B 2 35.30 -10.93 9.30
C ARG B 2 33.82 -11.18 9.60
N GLU B 3 33.23 -10.31 10.42
CA GLU B 3 31.82 -10.43 10.80
C GLU B 3 30.89 -9.59 9.92
N ILE B 4 29.76 -10.17 9.51
CA ILE B 4 28.80 -9.46 8.66
C ILE B 4 27.44 -9.28 9.33
N LEU B 5 27.06 -8.04 9.52
CA LEU B 5 25.78 -7.71 10.12
C LEU B 5 24.76 -7.70 8.99
N SER B 6 23.62 -8.32 9.22
CA SER B 6 22.59 -8.36 8.21
C SER B 6 21.42 -7.48 8.66
N ILE B 7 20.90 -6.68 7.73
CA ILE B 7 19.79 -5.78 8.03
C ILE B 7 18.59 -6.06 7.11
N HIS B 8 17.46 -6.42 7.70
CA HIS B 8 16.27 -6.72 6.92
C HIS B 8 15.23 -5.65 7.19
N VAL B 9 14.74 -5.01 6.13
CA VAL B 9 13.76 -3.97 6.33
C VAL B 9 12.50 -4.12 5.47
N GLY B 10 11.35 -3.95 6.12
CA GLY B 10 10.09 -4.05 5.41
C GLY B 10 9.51 -5.45 5.40
N GLN B 11 8.29 -5.57 4.88
CA GLN B 11 7.62 -6.85 4.82
C GLN B 11 8.52 -7.82 4.05
N CYS B 12 8.75 -7.49 2.78
CA CYS B 12 9.58 -8.35 1.93
C CYS B 12 10.96 -8.54 2.53
N GLY B 13 11.46 -7.51 3.19
CA GLY B 13 12.76 -7.60 3.81
C GLY B 13 12.79 -8.69 4.86
N ASN B 14 11.88 -8.62 5.83
CA ASN B 14 11.85 -9.62 6.89
C ASN B 14 11.31 -10.96 6.43
N GLN B 15 10.49 -10.94 5.38
CA GLN B 15 9.96 -12.18 4.86
C GLN B 15 11.17 -13.01 4.43
N ILE B 16 12.09 -12.40 3.70
CA ILE B 16 13.29 -13.11 3.27
C ILE B 16 14.08 -13.53 4.50
N ALA B 17 14.24 -12.60 5.45
CA ALA B 17 14.97 -12.87 6.69
C ALA B 17 14.59 -14.22 7.24
N ASP B 18 13.32 -14.35 7.61
CA ASP B 18 12.77 -15.59 8.14
C ASP B 18 13.28 -16.76 7.31
N SER B 19 12.74 -16.89 6.10
CA SER B 19 13.12 -17.97 5.20
C SER B 19 14.61 -18.26 5.15
N PHE B 20 15.43 -17.24 4.95
CA PHE B 20 16.89 -17.43 4.90
C PHE B 20 17.44 -17.94 6.22
N TRP B 21 17.25 -17.18 7.29
CA TRP B 21 17.76 -17.64 8.57
C TRP B 21 17.22 -19.00 8.93
N ARG B 22 16.13 -19.40 8.29
CA ARG B 22 15.58 -20.71 8.56
C ARG B 22 16.66 -21.73 8.23
N LEU B 23 16.88 -21.93 6.93
CA LEU B 23 17.90 -22.88 6.50
C LEU B 23 19.28 -22.42 6.93
N ALA B 24 19.41 -21.16 7.30
CA ALA B 24 20.68 -20.64 7.74
C ALA B 24 21.18 -21.51 8.89
N LEU B 25 20.23 -21.94 9.71
CA LEU B 25 20.56 -22.79 10.84
C LEU B 25 20.79 -24.22 10.37
N ARG B 26 19.74 -24.80 9.79
CA ARG B 26 19.82 -26.18 9.30
C ARG B 26 21.13 -26.43 8.55
N GLU B 27 21.58 -25.48 7.73
CA GLU B 27 22.82 -25.65 7.01
C GLU B 27 23.97 -25.83 8.00
N HIS B 28 24.10 -24.88 8.91
CA HIS B 28 25.14 -24.92 9.94
C HIS B 28 24.78 -25.91 11.04
N GLY B 29 23.66 -26.61 10.84
CA GLY B 29 23.22 -27.59 11.80
C GLY B 29 22.85 -27.11 13.19
N LEU B 30 22.37 -25.88 13.31
CA LEU B 30 21.98 -25.36 14.62
C LEU B 30 20.48 -25.59 14.83
N THR B 31 20.07 -25.64 16.10
CA THR B 31 18.67 -25.87 16.43
C THR B 31 17.80 -24.62 16.31
N GLU B 32 16.50 -24.83 16.40
CA GLU B 32 15.53 -23.74 16.31
C GLU B 32 15.97 -22.60 17.24
N ALA B 33 16.62 -22.94 18.35
CA ALA B 33 17.07 -21.95 19.32
C ALA B 33 18.54 -21.55 19.22
N GLY B 34 19.28 -22.20 18.32
CA GLY B 34 20.68 -21.86 18.14
C GLY B 34 21.66 -22.66 18.99
N THR B 35 21.52 -23.98 18.96
CA THR B 35 22.40 -24.88 19.72
C THR B 35 22.87 -26.00 18.81
N LEU B 36 23.97 -26.66 19.17
CA LEU B 36 24.50 -27.76 18.37
C LEU B 36 23.74 -29.05 18.61
N LYS B 37 23.14 -29.59 17.55
CA LYS B 37 22.34 -30.82 17.65
C LYS B 37 23.17 -32.10 17.51
N GLU B 38 24.46 -32.01 17.83
CA GLU B 38 25.34 -33.17 17.74
C GLU B 38 25.38 -33.93 19.05
N SER B 46 34.46 -25.44 10.66
CA SER B 46 33.91 -24.36 9.84
C SER B 46 33.93 -23.04 10.61
N ASN B 47 34.05 -21.95 9.87
CA ASN B 47 34.05 -20.62 10.46
C ASN B 47 32.68 -20.00 10.18
N MET B 48 31.82 -20.02 11.19
CA MET B 48 30.45 -19.51 11.08
C MET B 48 30.17 -18.25 11.89
N GLU B 49 31.08 -17.90 12.79
CA GLU B 49 30.89 -16.72 13.61
C GLU B 49 30.82 -15.45 12.76
N VAL B 50 30.77 -15.63 11.44
CA VAL B 50 30.68 -14.52 10.49
C VAL B 50 29.24 -14.04 10.37
N PHE B 51 28.30 -14.98 10.53
CA PHE B 51 26.88 -14.68 10.46
C PHE B 51 26.20 -14.83 11.80
N PHE B 52 26.54 -15.89 12.52
CA PHE B 52 25.93 -16.11 13.82
C PHE B 52 26.84 -15.54 14.89
N HIS B 53 26.27 -15.29 16.06
CA HIS B 53 27.02 -14.73 17.17
C HIS B 53 27.11 -15.73 18.32
N LYS B 54 28.34 -16.11 18.65
CA LYS B 54 28.59 -17.05 19.73
C LYS B 54 28.33 -16.32 21.04
N VAL B 55 27.32 -16.77 21.78
CA VAL B 55 26.97 -16.15 23.07
C VAL B 55 27.72 -16.84 24.19
N ARG B 56 27.71 -18.17 24.16
CA ARG B 56 28.37 -19.01 25.15
C ARG B 56 28.89 -20.25 24.43
N ASP B 57 29.76 -21.00 25.10
CA ASP B 57 30.37 -22.23 24.55
C ASP B 57 29.61 -22.93 23.41
N GLY B 58 28.29 -23.12 23.57
CA GLY B 58 27.53 -23.79 22.55
C GLY B 58 26.25 -23.09 22.14
N LYS B 59 26.22 -21.77 22.32
CA LYS B 59 25.05 -20.95 21.99
C LYS B 59 25.37 -19.89 20.91
N TYR B 60 24.51 -19.79 19.91
CA TYR B 60 24.72 -18.81 18.84
C TYR B 60 23.43 -18.08 18.49
N VAL B 61 23.56 -16.79 18.18
CA VAL B 61 22.43 -15.94 17.81
C VAL B 61 22.76 -15.22 16.50
N PRO B 62 21.80 -15.19 15.56
CA PRO B 62 21.96 -14.54 14.25
C PRO B 62 22.40 -13.08 14.28
N ARG B 63 23.51 -12.77 13.61
CA ARG B 63 24.01 -11.40 13.54
C ARG B 63 23.11 -10.65 12.56
N ALA B 64 21.98 -10.16 13.07
CA ALA B 64 21.02 -9.46 12.22
C ALA B 64 20.08 -8.56 13.00
N VAL B 65 19.71 -7.45 12.37
CA VAL B 65 18.77 -6.51 12.96
C VAL B 65 17.50 -6.53 12.13
N LEU B 66 16.37 -6.70 12.79
CA LEU B 66 15.09 -6.71 12.09
C LEU B 66 14.53 -5.32 12.21
N VAL B 67 14.61 -4.56 11.13
CA VAL B 67 14.08 -3.22 11.17
C VAL B 67 12.72 -3.19 10.51
N ASP B 68 11.81 -2.51 11.19
CA ASP B 68 10.44 -2.35 10.75
C ASP B 68 9.84 -3.70 10.40
N LEU B 69 9.63 -4.49 11.45
CA LEU B 69 9.07 -5.84 11.36
C LEU B 69 7.69 -5.87 12.00
N GLU B 70 6.76 -6.59 11.38
CA GLU B 70 5.40 -6.71 11.91
C GLU B 70 4.81 -8.08 11.52
N PRO B 71 4.85 -9.05 12.45
CA PRO B 71 4.33 -10.40 12.21
C PRO B 71 2.84 -10.47 11.82
N GLN B 84 10.63 -19.22 16.61
CA GLN B 84 11.21 -17.97 16.11
C GLN B 84 11.84 -17.17 17.25
N LEU B 85 13.09 -16.74 17.07
CA LEU B 85 13.78 -15.93 18.08
C LEU B 85 15.15 -15.31 17.74
N PHE B 86 15.15 -13.99 17.67
CA PHE B 86 16.34 -13.18 17.43
C PHE B 86 16.43 -12.31 18.69
N ASP B 87 17.51 -11.57 18.83
CA ASP B 87 17.68 -10.69 19.99
C ASP B 87 16.65 -9.56 19.90
N GLU B 88 15.52 -9.68 20.59
CA GLU B 88 14.50 -8.65 20.50
C GLU B 88 14.91 -7.28 21.04
N SER B 89 16.22 -7.10 21.25
CA SER B 89 16.76 -5.83 21.71
C SER B 89 17.33 -5.20 20.47
N SER B 90 17.60 -6.05 19.47
CA SER B 90 18.14 -5.62 18.20
C SER B 90 17.16 -5.85 17.05
N ILE B 91 15.89 -5.55 17.30
CA ILE B 91 14.84 -5.68 16.30
C ILE B 91 13.85 -4.57 16.63
N VAL B 92 13.50 -3.79 15.62
CA VAL B 92 12.58 -2.67 15.80
C VAL B 92 11.21 -2.90 15.15
N ARG B 93 10.17 -2.94 15.97
CA ARG B 93 8.79 -3.13 15.51
C ARG B 93 8.42 -1.91 14.66
N LYS B 94 7.70 -2.15 13.56
CA LYS B 94 7.30 -1.05 12.69
C LYS B 94 6.33 -0.09 13.33
N ILE B 95 6.45 1.17 12.97
CA ILE B 95 5.56 2.22 13.46
C ILE B 95 4.79 2.71 12.21
N PRO B 96 3.46 2.45 12.17
CA PRO B 96 2.57 2.82 11.08
C PRO B 96 2.90 4.14 10.43
N GLY B 97 2.75 4.22 9.11
CA GLY B 97 3.01 5.47 8.44
C GLY B 97 3.65 5.44 7.06
N ALA B 98 4.47 4.43 6.79
CA ALA B 98 5.18 4.32 5.53
C ALA B 98 4.32 4.21 4.29
N ALA B 99 3.27 3.40 4.36
CA ALA B 99 2.37 3.20 3.24
C ALA B 99 3.20 2.64 2.09
N ASN B 100 2.82 2.99 0.87
CA ASN B 100 3.51 2.53 -0.33
C ASN B 100 4.34 3.68 -0.90
N ASN B 101 4.57 4.69 -0.06
CA ASN B 101 5.27 5.88 -0.47
C ASN B 101 6.72 5.97 -0.05
N TRP B 102 7.63 5.96 -1.03
CA TRP B 102 9.06 6.04 -0.80
C TRP B 102 9.37 7.31 -0.04
N ALA B 103 8.91 8.42 -0.58
CA ALA B 103 9.12 9.72 0.03
C ALA B 103 8.70 9.69 1.47
N ARG B 104 7.63 8.94 1.73
CA ARG B 104 7.08 8.82 3.06
C ARG B 104 8.04 8.06 3.98
N GLY B 105 8.73 7.07 3.42
CA GLY B 105 9.64 6.26 4.21
C GLY B 105 11.00 6.89 4.43
N TYR B 106 11.47 7.63 3.43
CA TYR B 106 12.75 8.29 3.49
C TYR B 106 12.70 9.60 4.27
N ASN B 107 11.50 10.11 4.54
CA ASN B 107 11.38 11.38 5.25
C ASN B 107 10.55 11.34 6.51
N VAL B 108 9.34 11.90 6.40
CA VAL B 108 8.38 11.99 7.50
C VAL B 108 8.42 10.84 8.48
N GLU B 109 8.21 9.63 7.97
CA GLU B 109 8.18 8.42 8.78
C GLU B 109 9.57 7.84 9.09
N GLY B 110 10.49 7.92 8.14
CA GLY B 110 11.82 7.39 8.37
C GLY B 110 12.58 8.19 9.44
N GLU B 111 12.44 9.51 9.36
CA GLU B 111 13.08 10.44 10.29
C GLU B 111 12.75 10.05 11.72
N LYS B 112 11.45 9.89 11.99
CA LYS B 112 10.97 9.52 13.31
C LYS B 112 11.72 8.33 13.88
N VAL B 113 12.24 7.49 13.01
CA VAL B 113 12.92 6.29 13.49
C VAL B 113 14.33 5.99 13.01
N ILE B 114 14.90 6.83 12.16
CA ILE B 114 16.23 6.53 11.69
C ILE B 114 17.28 6.51 12.80
N ASP B 115 17.27 7.51 13.68
CA ASP B 115 18.25 7.56 14.77
C ASP B 115 18.28 6.26 15.55
N GLN B 116 17.10 5.77 15.89
CA GLN B 116 16.97 4.53 16.64
C GLN B 116 17.50 3.34 15.85
N ILE B 117 17.05 3.20 14.61
CA ILE B 117 17.49 2.08 13.76
C ILE B 117 19.01 2.04 13.81
N MET B 118 19.62 3.22 13.68
CA MET B 118 21.07 3.32 13.69
C MET B 118 21.75 2.89 14.98
N ASN B 119 21.16 3.22 16.13
CA ASN B 119 21.76 2.81 17.40
C ASN B 119 21.67 1.30 17.50
N VAL B 120 20.51 0.77 17.16
CA VAL B 120 20.31 -0.67 17.23
C VAL B 120 21.36 -1.39 16.41
N ILE B 121 21.77 -0.79 15.30
CA ILE B 121 22.78 -1.38 14.41
C ILE B 121 24.16 -1.27 15.04
N ASP B 122 24.54 -0.04 15.39
CA ASP B 122 25.84 0.26 16.00
C ASP B 122 26.07 -0.55 17.26
N SER B 123 25.00 -0.85 17.99
CA SER B 123 25.11 -1.63 19.22
C SER B 123 25.30 -3.11 18.87
N ALA B 124 25.07 -3.44 17.61
CA ALA B 124 25.22 -4.81 17.17
C ALA B 124 26.64 -5.00 16.66
N VAL B 125 27.27 -3.91 16.24
CA VAL B 125 28.63 -3.96 15.74
C VAL B 125 29.60 -3.70 16.88
N GLU B 126 29.08 -3.24 18.01
CA GLU B 126 29.91 -2.96 19.18
C GLU B 126 30.49 -4.28 19.64
N LYS B 127 29.66 -5.31 19.59
CA LYS B 127 30.06 -6.65 19.98
C LYS B 127 30.58 -7.35 18.74
N THR B 128 31.37 -6.59 17.99
CA THR B 128 31.98 -7.09 16.77
C THR B 128 33.47 -6.77 16.77
N LYS B 129 34.27 -7.82 16.89
CA LYS B 129 35.73 -7.70 16.92
C LYS B 129 36.27 -7.01 15.67
N GLY B 130 35.90 -7.53 14.50
CA GLY B 130 36.34 -6.95 13.24
C GLY B 130 35.23 -6.97 12.21
N LEU B 131 34.44 -5.90 12.15
CA LEU B 131 33.33 -5.83 11.20
C LEU B 131 33.77 -5.68 9.76
N GLN B 132 33.14 -6.47 8.90
CA GLN B 132 33.44 -6.49 7.49
C GLN B 132 32.51 -5.51 6.77
N GLY B 133 31.21 -5.74 6.94
CA GLY B 133 30.23 -4.89 6.31
C GLY B 133 28.81 -5.37 6.56
N PHE B 134 27.88 -4.87 5.74
CA PHE B 134 26.48 -5.22 5.90
C PHE B 134 25.83 -5.84 4.68
N LEU B 135 24.72 -6.52 4.95
CA LEU B 135 23.90 -7.15 3.93
C LEU B 135 22.50 -6.61 4.16
N MET B 136 21.84 -6.16 3.11
CA MET B 136 20.49 -5.67 3.29
C MET B 136 19.50 -6.41 2.42
N THR B 137 18.47 -6.95 3.06
CA THR B 137 17.44 -7.67 2.36
C THR B 137 16.20 -6.79 2.40
N HIS B 138 15.69 -6.42 1.23
CA HIS B 138 14.52 -5.56 1.14
C HIS B 138 13.89 -5.50 -0.24
N SER B 139 12.75 -4.81 -0.33
CA SER B 139 12.05 -4.61 -1.59
C SER B 139 12.14 -3.14 -2.01
N ILE B 140 12.44 -2.90 -3.28
CA ILE B 140 12.57 -1.55 -3.77
C ILE B 140 11.25 -0.97 -4.31
N GLY B 141 10.18 -1.77 -4.23
CA GLY B 141 8.90 -1.32 -4.73
C GLY B 141 7.94 -0.83 -3.67
N GLY B 142 8.12 -1.29 -2.45
CA GLY B 142 7.24 -0.87 -1.38
C GLY B 142 7.53 0.56 -0.97
N GLY B 143 7.33 0.86 0.30
CA GLY B 143 7.57 2.21 0.78
C GLY B 143 8.47 2.16 2.00
N SER B 144 8.42 1.04 2.70
CA SER B 144 9.24 0.85 3.87
C SER B 144 10.63 0.40 3.42
N GLY B 145 10.68 -0.73 2.73
CA GLY B 145 11.94 -1.25 2.24
C GLY B 145 12.64 -0.36 1.25
N SER B 146 11.89 0.50 0.58
CA SER B 146 12.49 1.39 -0.41
C SER B 146 12.85 2.70 0.25
N GLY B 147 11.84 3.39 0.78
CA GLY B 147 12.07 4.67 1.43
C GLY B 147 13.02 4.55 2.61
N LEU B 148 12.55 3.94 3.69
CA LEU B 148 13.38 3.76 4.87
C LEU B 148 14.64 2.99 4.51
N GLY B 149 14.49 2.02 3.60
CA GLY B 149 15.62 1.22 3.19
C GLY B 149 16.71 2.09 2.62
N SER B 150 16.32 3.08 1.83
CA SER B 150 17.29 3.97 1.23
C SER B 150 17.89 4.82 2.30
N LEU B 151 17.07 5.37 3.18
CA LEU B 151 17.60 6.20 4.24
C LEU B 151 18.66 5.45 5.01
N ILE B 152 18.40 4.18 5.32
CA ILE B 152 19.39 3.42 6.05
C ILE B 152 20.65 3.31 5.20
N LEU B 153 20.54 2.75 4.00
CA LEU B 153 21.69 2.64 3.13
C LEU B 153 22.57 3.89 3.20
N GLU B 154 21.93 5.05 3.23
CA GLU B 154 22.65 6.31 3.30
C GLU B 154 23.37 6.51 4.60
N ARG B 155 22.65 6.49 5.72
CA ARG B 155 23.29 6.71 7.01
C ARG B 155 24.23 5.59 7.42
N LEU B 156 24.15 4.47 6.72
CA LEU B 156 25.01 3.33 6.99
C LEU B 156 26.38 3.63 6.40
N ARG B 157 26.40 4.33 5.26
CA ARG B 157 27.64 4.70 4.61
C ARG B 157 28.29 5.85 5.38
N GLN B 158 27.50 6.88 5.66
CA GLN B 158 27.98 8.04 6.39
C GLN B 158 28.48 7.70 7.78
N ALA B 159 28.38 6.42 8.16
CA ALA B 159 28.83 6.01 9.48
C ALA B 159 29.93 4.97 9.45
N TYR B 160 29.90 4.09 8.45
CA TYR B 160 30.92 3.05 8.32
C TYR B 160 31.50 3.12 6.92
N PRO B 161 32.14 4.24 6.59
CA PRO B 161 32.76 4.51 5.29
C PRO B 161 33.72 3.48 4.75
N LYS B 162 34.40 2.78 5.64
CA LYS B 162 35.36 1.78 5.21
C LYS B 162 34.74 0.42 4.99
N LYS B 163 33.55 0.21 5.55
CA LYS B 163 32.87 -1.07 5.44
C LYS B 163 32.21 -1.33 4.08
N ARG B 164 31.98 -2.60 3.77
CA ARG B 164 31.36 -2.97 2.52
C ARG B 164 29.87 -3.15 2.75
N ILE B 165 29.06 -2.74 1.78
CA ILE B 165 27.61 -2.86 1.88
C ILE B 165 27.05 -3.61 0.69
N PHE B 166 26.36 -4.71 0.95
CA PHE B 166 25.77 -5.48 -0.14
C PHE B 166 24.27 -5.57 -0.02
N THR B 167 23.61 -5.69 -1.17
CA THR B 167 22.16 -5.72 -1.19
C THR B 167 21.45 -6.83 -1.93
N PHE B 168 20.38 -7.30 -1.33
CA PHE B 168 19.51 -8.29 -1.94
C PHE B 168 18.22 -7.50 -2.12
N SER B 169 18.06 -6.99 -3.33
CA SER B 169 16.91 -6.17 -3.65
C SER B 169 15.96 -6.79 -4.64
N VAL B 170 14.70 -6.86 -4.22
CA VAL B 170 13.66 -7.42 -5.05
C VAL B 170 13.04 -6.34 -5.95
N VAL B 171 13.14 -6.53 -7.25
CA VAL B 171 12.59 -5.56 -8.16
C VAL B 171 11.14 -5.97 -8.48
N PRO B 172 10.23 -4.98 -8.56
CA PRO B 172 8.82 -5.27 -8.85
C PRO B 172 8.48 -5.48 -10.33
N SER B 173 7.47 -6.32 -10.56
CA SER B 173 7.01 -6.64 -11.91
C SER B 173 5.50 -6.66 -11.97
N PRO B 174 4.92 -5.97 -12.96
CA PRO B 174 3.46 -5.92 -13.10
C PRO B 174 2.75 -7.25 -13.01
N LEU B 175 3.42 -8.35 -13.36
CA LEU B 175 2.72 -9.62 -13.28
C LEU B 175 2.62 -10.20 -11.88
N ILE B 176 2.69 -9.32 -10.90
CA ILE B 176 2.57 -9.71 -9.50
C ILE B 176 2.91 -8.46 -8.72
N SER B 177 2.13 -7.43 -8.97
CA SER B 177 2.28 -6.15 -8.32
C SER B 177 1.05 -5.86 -7.51
N ASP B 178 1.17 -5.05 -6.46
CA ASP B 178 -0.01 -4.72 -5.67
C ASP B 178 -0.17 -3.21 -5.55
N SER B 179 0.83 -2.47 -6.02
CA SER B 179 0.79 -1.03 -5.96
C SER B 179 1.01 -0.41 -7.33
N ALA B 180 0.27 0.65 -7.63
CA ALA B 180 0.37 1.33 -8.92
C ALA B 180 1.66 2.13 -9.01
N VAL B 181 2.02 2.68 -7.87
CA VAL B 181 3.18 3.53 -7.70
C VAL B 181 4.57 2.87 -7.60
N GLU B 182 4.63 1.55 -7.71
CA GLU B 182 5.88 0.80 -7.58
C GLU B 182 7.11 1.28 -8.34
N PRO B 183 7.02 1.42 -9.67
CA PRO B 183 8.20 1.87 -10.40
C PRO B 183 8.83 3.15 -9.86
N TYR B 184 8.02 4.05 -9.33
CA TYR B 184 8.56 5.28 -8.76
C TYR B 184 9.51 4.85 -7.62
N ASN B 185 8.97 4.14 -6.63
CA ASN B 185 9.78 3.68 -5.53
C ASN B 185 10.97 2.89 -6.05
N ALA B 186 10.77 2.15 -7.12
CA ALA B 186 11.83 1.36 -7.71
C ALA B 186 13.01 2.27 -8.05
N ILE B 187 12.79 3.20 -8.99
CA ILE B 187 13.83 4.14 -9.41
C ILE B 187 14.46 4.91 -8.22
N LEU B 188 13.64 5.56 -7.41
CA LEU B 188 14.18 6.29 -6.28
C LEU B 188 15.20 5.43 -5.51
N THR B 189 14.78 4.24 -5.08
CA THR B 189 15.70 3.38 -4.34
C THR B 189 16.92 2.98 -5.16
N LEU B 190 16.71 2.62 -6.42
CA LEU B 190 17.84 2.21 -7.24
C LEU B 190 18.94 3.24 -7.25
N GLN B 191 18.60 4.52 -7.07
CA GLN B 191 19.62 5.57 -7.07
C GLN B 191 20.51 5.42 -5.84
N ARG B 192 19.90 5.19 -4.69
CA ARG B 192 20.65 5.02 -3.45
C ARG B 192 21.42 3.70 -3.47
N ILE B 193 20.91 2.70 -4.16
CA ILE B 193 21.62 1.44 -4.20
C ILE B 193 22.86 1.67 -5.06
N LEU B 194 22.73 2.59 -6.01
CA LEU B 194 23.84 2.91 -6.91
C LEU B 194 24.89 3.74 -6.23
N ASP B 195 24.46 4.72 -5.43
CA ASP B 195 25.41 5.58 -4.74
C ASP B 195 25.96 5.07 -3.40
N ASN B 196 25.35 4.06 -2.79
CA ASN B 196 25.87 3.60 -1.49
C ASN B 196 26.24 2.13 -1.32
N ALA B 197 25.84 1.28 -2.25
CA ALA B 197 26.17 -0.13 -2.14
C ALA B 197 27.37 -0.52 -2.98
N ASP B 198 28.12 -1.52 -2.50
CA ASP B 198 29.29 -2.00 -3.21
C ASP B 198 28.89 -3.07 -4.18
N GLY B 199 27.62 -3.45 -4.13
CA GLY B 199 27.11 -4.46 -5.01
C GLY B 199 25.70 -4.82 -4.60
N ALA B 200 24.87 -5.17 -5.58
CA ALA B 200 23.49 -5.53 -5.28
C ALA B 200 23.03 -6.69 -6.13
N VAL B 201 22.28 -7.60 -5.54
CA VAL B 201 21.75 -8.73 -6.27
C VAL B 201 20.31 -8.37 -6.59
N LEU B 202 19.98 -8.19 -7.86
CA LEU B 202 18.62 -7.85 -8.21
C LEU B 202 17.76 -9.09 -8.35
N LEU B 203 16.84 -9.29 -7.41
CA LEU B 203 15.94 -10.44 -7.44
C LEU B 203 14.71 -9.90 -8.17
N ASP B 204 14.64 -10.16 -9.48
CA ASP B 204 13.53 -9.66 -10.29
C ASP B 204 12.26 -10.48 -10.16
N ASN B 205 11.18 -9.82 -9.74
CA ASN B 205 9.91 -10.50 -9.60
C ASN B 205 9.48 -11.03 -10.94
N GLU B 206 9.71 -10.25 -11.99
CA GLU B 206 9.35 -10.70 -13.32
C GLU B 206 10.02 -12.04 -13.61
N ALA B 207 11.24 -12.21 -13.13
CA ALA B 207 11.96 -13.46 -13.33
C ALA B 207 11.49 -14.49 -12.33
N LEU B 208 11.53 -14.15 -11.05
CA LEU B 208 11.09 -15.04 -10.00
C LEU B 208 9.72 -15.58 -10.35
N PHE B 209 8.90 -14.72 -10.96
CA PHE B 209 7.58 -15.12 -11.38
C PHE B 209 7.73 -16.23 -12.41
N ARG B 210 8.13 -15.86 -13.63
CA ARG B 210 8.31 -16.83 -14.71
C ARG B 210 8.91 -18.15 -14.24
N ILE B 211 9.96 -18.08 -13.44
CA ILE B 211 10.57 -19.30 -12.95
C ILE B 211 9.52 -20.13 -12.25
N ALA B 212 9.00 -19.60 -11.14
CA ALA B 212 7.99 -20.28 -10.33
C ALA B 212 6.77 -20.71 -11.14
N LYS B 213 6.37 -19.89 -12.11
CA LYS B 213 5.22 -20.18 -12.95
C LYS B 213 5.39 -21.49 -13.69
N ALA B 214 6.44 -21.59 -14.50
CA ALA B 214 6.68 -22.80 -15.28
C ALA B 214 7.23 -23.95 -14.43
N LYS B 215 7.43 -23.69 -13.14
CA LYS B 215 7.92 -24.71 -12.23
C LYS B 215 6.77 -25.32 -11.44
N LEU B 216 5.65 -24.61 -11.38
CA LEU B 216 4.45 -25.06 -10.65
C LEU B 216 3.18 -24.70 -11.42
N ASN B 217 2.74 -25.59 -12.31
CA ASN B 217 1.55 -25.39 -13.14
C ASN B 217 0.56 -24.24 -12.86
N ARG B 218 0.31 -23.90 -11.59
CA ARG B 218 -0.63 -22.82 -11.27
C ARG B 218 0.03 -21.44 -11.09
N SER B 219 -0.77 -20.36 -11.14
CA SER B 219 -0.23 -19.00 -10.97
C SER B 219 0.41 -18.81 -9.61
N PRO B 220 1.69 -18.41 -9.59
CA PRO B 220 2.53 -18.17 -8.42
C PRO B 220 2.01 -17.19 -7.39
N ASN B 221 2.44 -17.39 -6.14
CA ASN B 221 2.07 -16.55 -5.02
C ASN B 221 3.35 -16.09 -4.34
N TYR B 222 3.33 -14.92 -3.73
CA TYR B 222 4.51 -14.37 -3.07
C TYR B 222 5.38 -15.37 -2.33
N MET B 223 4.77 -16.40 -1.75
CA MET B 223 5.56 -17.40 -1.03
C MET B 223 6.47 -18.14 -2.00
N ASP B 224 5.91 -18.67 -3.08
CA ASP B 224 6.68 -19.40 -4.07
C ASP B 224 7.89 -18.58 -4.47
N LEU B 225 7.65 -17.35 -4.92
CA LEU B 225 8.75 -16.49 -5.30
C LEU B 225 9.71 -16.39 -4.12
N ASN B 226 9.14 -16.10 -2.95
CA ASN B 226 9.94 -15.97 -1.76
C ASN B 226 10.90 -17.13 -1.58
N ASN B 227 10.50 -18.32 -2.01
CA ASN B 227 11.38 -19.49 -1.88
C ASN B 227 12.64 -19.32 -2.72
N ILE B 228 12.47 -19.30 -4.04
CA ILE B 228 13.60 -19.14 -4.95
C ILE B 228 14.59 -18.19 -4.30
N ILE B 229 14.07 -17.06 -3.82
CA ILE B 229 14.90 -16.06 -3.20
C ILE B 229 15.70 -16.60 -2.05
N ALA B 230 15.01 -17.16 -1.06
CA ALA B 230 15.69 -17.70 0.11
C ALA B 230 16.92 -18.52 -0.30
N LEU B 231 16.74 -19.44 -1.25
CA LEU B 231 17.87 -20.24 -1.71
C LEU B 231 18.96 -19.33 -2.26
N ILE B 232 18.60 -18.52 -3.25
CA ILE B 232 19.55 -17.59 -3.85
C ILE B 232 20.40 -16.91 -2.78
N VAL B 233 19.75 -16.50 -1.69
CA VAL B 233 20.49 -15.84 -0.61
C VAL B 233 21.52 -16.79 0.00
N SER B 234 21.05 -17.80 0.70
CA SER B 234 21.94 -18.78 1.33
C SER B 234 23.10 -19.15 0.42
N SER B 235 22.80 -19.49 -0.83
CA SER B 235 23.83 -19.87 -1.79
C SER B 235 24.79 -18.72 -2.04
N VAL B 236 24.28 -17.50 -2.19
CA VAL B 236 25.19 -16.40 -2.43
C VAL B 236 26.01 -16.17 -1.17
N THR B 237 25.34 -16.19 -0.02
CA THR B 237 26.02 -15.97 1.26
C THR B 237 26.97 -17.10 1.66
N ALA B 238 26.69 -18.31 1.17
CA ALA B 238 27.51 -19.47 1.49
C ALA B 238 28.99 -19.16 1.62
N SER B 239 29.63 -18.98 0.47
CA SER B 239 31.06 -18.67 0.40
C SER B 239 31.58 -17.73 1.49
N LEU B 240 30.70 -16.92 2.08
CA LEU B 240 31.12 -15.99 3.10
C LEU B 240 31.12 -16.63 4.48
N ARG B 241 30.31 -17.68 4.64
CA ARG B 241 30.21 -18.35 5.93
C ARG B 241 30.81 -19.75 5.95
N PHE B 242 31.39 -20.16 4.83
CA PHE B 242 32.03 -21.48 4.77
C PHE B 242 33.51 -21.36 4.42
N PRO B 243 34.32 -22.34 4.89
CA PRO B 243 35.77 -22.46 4.71
C PRO B 243 36.38 -22.31 3.30
N GLY B 244 35.54 -22.37 2.26
CA GLY B 244 36.02 -22.26 0.88
C GLY B 244 37.12 -21.25 0.56
N LYS B 245 37.42 -21.08 -0.73
CA LYS B 245 38.47 -20.17 -1.17
C LYS B 245 38.01 -19.02 -2.08
N LEU B 246 36.84 -19.17 -2.70
CA LEU B 246 36.30 -18.15 -3.60
C LEU B 246 35.29 -17.25 -2.89
N ASN B 247 35.49 -15.94 -3.01
CA ASN B 247 34.61 -14.98 -2.39
C ASN B 247 34.57 -15.22 -0.87
N THR B 248 35.73 -15.02 -0.26
CA THR B 248 35.92 -15.22 1.18
C THR B 248 35.26 -14.08 1.94
N ASP B 249 35.32 -12.89 1.35
CA ASP B 249 34.74 -11.70 1.97
C ASP B 249 34.09 -10.80 0.92
N LEU B 250 33.13 -10.00 1.35
CA LEU B 250 32.42 -9.08 0.46
C LEU B 250 33.41 -8.36 -0.44
N SER B 251 34.59 -8.06 0.10
CA SER B 251 35.60 -7.37 -0.67
C SER B 251 35.96 -8.19 -1.92
N GLU B 252 36.17 -9.49 -1.76
CA GLU B 252 36.50 -10.35 -2.89
C GLU B 252 35.34 -10.37 -3.87
N PHE B 253 34.13 -10.34 -3.35
CA PHE B 253 32.94 -10.33 -4.18
C PHE B 253 33.10 -9.16 -5.15
N VAL B 254 33.53 -8.03 -4.60
CA VAL B 254 33.73 -6.82 -5.38
C VAL B 254 34.82 -6.99 -6.44
N THR B 255 36.06 -7.20 -6.01
CA THR B 255 37.18 -7.36 -6.94
C THR B 255 36.93 -8.45 -7.96
N ASN B 256 36.01 -9.35 -7.64
CA ASN B 256 35.71 -10.43 -8.57
C ASN B 256 34.51 -10.19 -9.46
N LEU B 257 33.62 -9.29 -9.07
CA LEU B 257 32.42 -9.05 -9.88
C LEU B 257 32.14 -7.62 -10.34
N VAL B 258 32.61 -6.62 -9.61
CA VAL B 258 32.38 -5.22 -9.99
C VAL B 258 33.55 -4.66 -10.80
N PRO B 259 33.46 -4.71 -12.13
CA PRO B 259 34.55 -4.20 -12.97
C PRO B 259 34.70 -2.67 -12.94
N PHE B 260 33.92 -2.02 -12.10
CA PHE B 260 33.98 -0.58 -11.98
C PHE B 260 32.90 -0.03 -11.04
N PRO B 261 33.31 0.77 -10.04
CA PRO B 261 32.46 1.39 -9.04
C PRO B 261 30.98 1.49 -9.35
N GLY B 262 30.60 2.22 -10.39
CA GLY B 262 29.19 2.34 -10.70
C GLY B 262 28.43 1.06 -11.05
N ASN B 263 28.97 0.27 -11.98
CA ASN B 263 28.34 -0.96 -12.44
C ASN B 263 28.50 -2.12 -11.46
N HIS B 264 27.70 -2.13 -10.41
CA HIS B 264 27.78 -3.19 -9.41
C HIS B 264 26.48 -3.95 -9.23
N PHE B 265 25.70 -4.07 -10.29
CA PHE B 265 24.42 -4.77 -10.25
C PHE B 265 24.47 -6.16 -10.84
N LEU B 266 24.36 -7.15 -9.95
CA LEU B 266 24.46 -8.55 -10.33
C LEU B 266 23.16 -9.35 -10.40
N THR B 267 23.25 -10.49 -11.05
CA THR B 267 22.14 -11.42 -11.18
C THR B 267 22.64 -12.72 -10.59
N ALA B 268 21.73 -13.55 -10.12
CA ALA B 268 22.12 -14.84 -9.57
C ALA B 268 21.13 -15.87 -10.08
N SER B 269 21.62 -17.09 -10.21
CA SER B 269 20.80 -18.20 -10.68
C SER B 269 20.89 -19.33 -9.68
N PHE B 270 20.10 -20.38 -9.88
CA PHE B 270 20.15 -21.53 -9.00
C PHE B 270 20.05 -22.81 -9.79
N ALA B 271 20.72 -23.85 -9.31
CA ALA B 271 20.69 -25.14 -10.00
C ALA B 271 20.65 -26.30 -9.01
N PRO B 272 19.71 -27.24 -9.21
CA PRO B 272 18.72 -27.26 -10.28
C PRO B 272 17.30 -26.88 -9.85
N MET B 273 16.42 -26.69 -10.83
CA MET B 273 15.02 -26.35 -10.56
C MET B 273 14.07 -27.11 -11.49
N ASN B 285 24.10 -35.93 -11.94
CA ASN B 285 25.16 -35.54 -12.87
C ASN B 285 25.79 -34.23 -12.41
N PHE B 286 26.87 -33.84 -13.09
CA PHE B 286 27.54 -32.59 -12.81
C PHE B 286 27.47 -31.77 -14.08
N PRO B 287 27.77 -32.41 -15.23
CA PRO B 287 27.71 -31.66 -16.49
C PRO B 287 26.35 -31.01 -16.59
N ASP B 288 25.35 -31.66 -15.98
CA ASP B 288 23.99 -31.15 -15.98
C ASP B 288 23.91 -29.94 -15.06
N LEU B 289 24.52 -30.04 -13.89
CA LEU B 289 24.52 -28.95 -12.93
C LEU B 289 25.22 -27.72 -13.51
N ALA B 290 26.47 -27.88 -13.93
CA ALA B 290 27.23 -26.79 -14.50
C ALA B 290 26.50 -26.20 -15.71
N ARG B 291 25.68 -27.03 -16.34
CA ARG B 291 24.93 -26.58 -17.51
C ARG B 291 23.75 -25.73 -17.02
N GLU B 292 23.03 -26.28 -16.06
CA GLU B 292 21.86 -25.62 -15.47
C GLU B 292 22.26 -24.31 -14.78
N THR B 293 23.28 -24.37 -13.93
CA THR B 293 23.75 -23.17 -13.23
C THR B 293 23.95 -21.99 -14.18
N PHE B 294 24.49 -22.26 -15.37
CA PHE B 294 24.69 -21.20 -16.33
C PHE B 294 23.68 -21.34 -17.46
N ALA B 295 22.40 -21.32 -17.12
CA ALA B 295 21.34 -21.43 -18.13
C ALA B 295 20.42 -20.22 -18.03
N GLN B 296 20.29 -19.48 -19.14
CA GLN B 296 19.44 -18.29 -19.15
C GLN B 296 18.19 -18.45 -18.27
N ASP B 297 17.29 -19.33 -18.71
CA ASP B 297 16.06 -19.58 -17.98
C ASP B 297 16.25 -19.81 -16.48
N ASN B 298 17.46 -20.18 -16.08
CA ASN B 298 17.74 -20.45 -14.67
C ASN B 298 18.14 -19.26 -13.83
N PHE B 299 18.22 -18.08 -14.42
CA PHE B 299 18.61 -16.89 -13.67
C PHE B 299 17.44 -16.13 -13.06
N THR B 300 17.74 -15.35 -12.03
CA THR B 300 16.77 -14.57 -11.29
C THR B 300 16.79 -13.10 -11.69
N ALA B 301 16.72 -12.84 -12.98
CA ALA B 301 16.73 -11.47 -13.47
C ALA B 301 16.43 -11.48 -14.96
N ALA B 302 15.67 -10.50 -15.42
CA ALA B 302 15.29 -10.42 -16.81
C ALA B 302 16.39 -9.94 -17.77
N ILE B 303 17.66 -10.09 -17.41
CA ILE B 303 18.73 -9.61 -18.29
C ILE B 303 18.48 -9.90 -19.76
N ASP B 304 18.83 -8.94 -20.61
CA ASP B 304 18.66 -9.02 -22.06
C ASP B 304 19.71 -9.95 -22.64
N TRP B 305 19.49 -11.25 -22.45
CA TRP B 305 20.43 -12.25 -22.93
C TRP B 305 20.80 -12.16 -24.40
N GLN B 306 20.01 -11.47 -25.21
CA GLN B 306 20.32 -11.38 -26.62
C GLN B 306 21.48 -10.45 -26.94
N GLN B 307 21.24 -9.15 -26.85
CA GLN B 307 22.29 -8.19 -27.16
C GLN B 307 23.07 -7.79 -25.90
N GLY B 308 23.08 -8.68 -24.92
CA GLY B 308 23.81 -8.42 -23.69
C GLY B 308 25.05 -9.30 -23.64
N VAL B 309 26.09 -8.82 -22.97
CA VAL B 309 27.33 -9.58 -22.87
C VAL B 309 27.85 -9.64 -21.43
N TYR B 310 28.54 -10.72 -21.11
CA TYR B 310 29.09 -10.89 -19.76
C TYR B 310 30.20 -9.88 -19.43
N LEU B 311 30.41 -9.66 -18.14
CA LEU B 311 31.42 -8.72 -17.69
C LEU B 311 32.29 -9.40 -16.64
N ALA B 312 31.64 -10.12 -15.72
CA ALA B 312 32.35 -10.83 -14.67
C ALA B 312 31.44 -11.90 -14.08
N ALA B 313 31.89 -13.15 -14.13
CA ALA B 313 31.09 -14.23 -13.60
C ALA B 313 31.73 -14.90 -12.39
N SER B 314 30.96 -15.78 -11.76
CA SER B 314 31.43 -16.48 -10.59
C SER B 314 30.45 -17.58 -10.24
N ALA B 315 30.91 -18.83 -10.34
CA ALA B 315 30.06 -19.97 -10.03
C ALA B 315 30.49 -20.55 -8.69
N LEU B 316 29.55 -21.18 -8.00
CA LEU B 316 29.84 -21.79 -6.71
C LEU B 316 28.96 -23.02 -6.52
N PHE B 317 29.57 -24.17 -6.69
CA PHE B 317 28.87 -25.44 -6.53
C PHE B 317 29.16 -25.97 -5.14
N ARG B 318 28.18 -26.65 -4.57
CA ARG B 318 28.33 -27.19 -3.23
C ARG B 318 27.68 -28.56 -3.13
N GLY B 319 28.36 -29.49 -2.45
CA GLY B 319 27.85 -30.84 -2.30
C GLY B 319 28.89 -31.91 -2.64
N ASP B 320 28.72 -32.56 -3.79
CA ASP B 320 29.66 -33.59 -4.23
C ASP B 320 30.64 -33.02 -5.24
N ASP B 325 37.04 -31.79 -8.84
CA ASP B 325 37.26 -31.78 -10.28
C ASP B 325 36.58 -30.57 -10.90
N VAL B 326 36.61 -29.46 -10.18
CA VAL B 326 35.99 -28.22 -10.64
C VAL B 326 36.98 -27.31 -11.36
N ASP B 327 38.19 -27.21 -10.81
CA ASP B 327 39.24 -26.37 -11.39
C ASP B 327 39.72 -26.89 -12.73
N GLU B 328 38.84 -27.60 -13.44
CA GLU B 328 39.16 -28.16 -14.74
C GLU B 328 38.20 -27.67 -15.81
N ASN B 329 36.91 -27.88 -15.61
CA ASN B 329 35.89 -27.46 -16.57
C ASN B 329 35.66 -25.94 -16.57
N MET B 330 36.56 -25.20 -15.94
CA MET B 330 36.47 -23.75 -15.89
C MET B 330 36.62 -23.19 -17.30
N ALA B 331 37.79 -23.41 -17.88
CA ALA B 331 38.07 -22.96 -19.23
C ALA B 331 37.00 -23.43 -20.19
N THR B 332 36.42 -24.60 -19.90
CA THR B 332 35.37 -25.19 -20.73
C THR B 332 34.11 -24.33 -20.73
N ILE B 333 33.79 -23.78 -19.57
CA ILE B 333 32.62 -22.93 -19.41
C ILE B 333 32.81 -21.56 -20.04
N ARG B 334 33.94 -20.92 -19.76
CA ARG B 334 34.22 -19.59 -20.30
C ARG B 334 34.06 -19.51 -21.80
N LYS B 335 34.12 -20.64 -22.48
CA LYS B 335 33.98 -20.62 -23.93
C LYS B 335 32.47 -20.60 -24.24
N SER B 336 31.67 -20.95 -23.24
CA SER B 336 30.22 -20.97 -23.37
C SER B 336 29.77 -19.51 -23.31
N LEU B 337 30.18 -18.85 -22.23
CA LEU B 337 29.86 -17.45 -21.97
C LEU B 337 30.56 -16.48 -22.91
N ASN B 338 29.87 -15.42 -23.30
CA ASN B 338 30.47 -14.43 -24.18
C ASN B 338 30.57 -13.04 -23.55
N TYR B 339 31.75 -12.76 -23.00
CA TYR B 339 32.00 -11.47 -22.36
C TYR B 339 32.22 -10.40 -23.41
N ALA B 340 32.23 -9.15 -22.97
CA ALA B 340 32.48 -8.04 -23.88
C ALA B 340 33.82 -8.38 -24.51
N SER B 341 34.09 -7.84 -25.69
CA SER B 341 35.35 -8.11 -26.39
C SER B 341 36.60 -7.73 -25.59
N TYR B 342 36.65 -6.48 -25.14
CA TYR B 342 37.79 -5.96 -24.39
C TYR B 342 38.24 -6.81 -23.21
N MET B 343 37.39 -7.72 -22.72
CA MET B 343 37.79 -8.56 -21.61
C MET B 343 38.67 -9.70 -22.16
N PRO B 344 39.70 -10.12 -21.40
CA PRO B 344 40.64 -11.18 -21.78
C PRO B 344 40.01 -12.56 -21.88
N ALA B 345 40.27 -13.25 -23.01
CA ALA B 345 39.74 -14.60 -23.27
C ALA B 345 39.58 -15.43 -22.00
N SER B 346 40.60 -16.23 -21.67
CA SER B 346 40.53 -17.03 -20.46
C SER B 346 40.53 -16.05 -19.30
N GLY B 347 39.87 -16.41 -18.21
CA GLY B 347 39.81 -15.52 -17.08
C GLY B 347 38.59 -14.61 -17.17
N GLY B 348 38.19 -14.05 -16.03
CA GLY B 348 37.02 -13.18 -16.00
C GLY B 348 35.93 -13.99 -15.32
N LEU B 349 36.25 -15.25 -15.06
CA LEU B 349 35.35 -16.19 -14.41
C LEU B 349 36.11 -17.05 -13.41
N LYS B 350 35.62 -17.09 -12.17
CA LYS B 350 36.24 -17.88 -11.12
C LYS B 350 35.22 -18.85 -10.52
N LEU B 351 35.62 -20.09 -10.26
CA LEU B 351 34.72 -21.09 -9.70
C LEU B 351 35.12 -21.54 -8.30
N GLY B 352 34.14 -21.57 -7.40
CA GLY B 352 34.41 -21.98 -6.02
C GLY B 352 33.69 -23.26 -5.63
N TYR B 353 33.87 -23.66 -4.37
CA TYR B 353 33.24 -24.88 -3.88
C TYR B 353 33.02 -24.90 -2.37
N ALA B 354 31.94 -25.56 -1.97
CA ALA B 354 31.56 -25.71 -0.56
C ALA B 354 30.99 -27.12 -0.43
N GLU B 355 31.44 -27.85 0.59
CA GLU B 355 30.96 -29.21 0.78
C GLU B 355 29.53 -29.28 1.30
N THR B 356 29.12 -28.27 2.06
CA THR B 356 27.77 -28.22 2.62
C THR B 356 26.74 -27.62 1.67
N ALA B 357 25.88 -28.47 1.12
CA ALA B 357 24.86 -28.03 0.19
C ALA B 357 23.56 -27.69 0.93
N PRO B 358 22.70 -26.85 0.33
CA PRO B 358 21.44 -26.45 0.94
C PRO B 358 20.51 -27.65 1.09
N GLU B 359 19.81 -27.72 2.22
CA GLU B 359 18.92 -28.84 2.49
C GLU B 359 17.89 -29.10 1.39
N GLY B 360 17.83 -30.35 0.94
CA GLY B 360 16.90 -30.73 -0.11
C GLY B 360 17.64 -31.12 -1.38
N PHE B 361 18.95 -30.87 -1.39
CA PHE B 361 19.78 -31.17 -2.55
C PHE B 361 21.04 -31.94 -2.15
N ALA B 362 21.53 -32.77 -3.06
CA ALA B 362 22.73 -33.55 -2.81
C ALA B 362 23.91 -32.63 -3.05
N SER B 363 23.75 -31.76 -4.04
CA SER B 363 24.73 -30.77 -4.44
C SER B 363 24.00 -29.77 -5.34
N SER B 364 24.31 -28.49 -5.19
CA SER B 364 23.64 -27.48 -6.00
C SER B 364 24.58 -26.45 -6.60
N GLY B 365 24.02 -25.56 -7.40
CA GLY B 365 24.80 -24.51 -8.04
C GLY B 365 24.42 -23.12 -7.56
N LEU B 366 24.78 -22.13 -8.39
CA LEU B 366 24.52 -20.71 -8.14
C LEU B 366 25.53 -19.94 -8.98
N ALA B 367 25.06 -18.96 -9.73
CA ALA B 367 25.98 -18.18 -10.55
C ALA B 367 25.75 -16.67 -10.44
N LEU B 368 26.73 -15.95 -9.87
CA LEU B 368 26.63 -14.50 -9.78
C LEU B 368 27.28 -13.94 -11.03
N VAL B 369 26.50 -13.19 -11.79
CA VAL B 369 26.97 -12.62 -13.04
C VAL B 369 26.72 -11.13 -13.19
N ASN B 370 27.77 -10.37 -13.47
CA ASN B 370 27.60 -8.95 -13.69
C ASN B 370 27.49 -8.89 -15.20
N HIS B 371 26.25 -8.90 -15.69
CA HIS B 371 25.97 -8.91 -17.13
C HIS B 371 25.34 -7.62 -17.65
N THR B 372 25.82 -7.11 -18.78
CA THR B 372 25.26 -5.87 -19.32
C THR B 372 23.78 -5.98 -19.67
N GLY B 373 23.26 -7.19 -19.80
CA GLY B 373 21.85 -7.34 -20.11
C GLY B 373 20.98 -6.87 -18.96
N ILE B 374 21.59 -6.73 -17.79
CA ILE B 374 20.88 -6.27 -16.60
C ILE B 374 20.27 -4.90 -16.91
N ALA B 375 20.80 -4.23 -17.93
CA ALA B 375 20.31 -2.91 -18.34
C ALA B 375 18.82 -3.00 -18.59
N ALA B 376 18.39 -4.14 -19.10
CA ALA B 376 16.99 -4.38 -19.38
C ALA B 376 16.15 -3.95 -18.18
N VAL B 377 16.31 -4.66 -17.08
CA VAL B 377 15.59 -4.39 -15.85
C VAL B 377 15.44 -2.89 -15.61
N PHE B 378 16.53 -2.14 -15.70
CA PHE B 378 16.44 -0.70 -15.47
C PHE B 378 15.53 -0.07 -16.51
N GLU B 379 15.91 -0.20 -17.77
CA GLU B 379 15.12 0.36 -18.87
C GLU B 379 13.64 0.10 -18.63
N ARG B 380 13.30 -1.12 -18.25
CA ARG B 380 11.91 -1.46 -17.98
C ARG B 380 11.38 -0.45 -16.96
N LEU B 381 11.89 -0.51 -15.73
CA LEU B 381 11.45 0.43 -14.71
C LEU B 381 11.33 1.85 -15.26
N ILE B 382 12.33 2.29 -16.01
CA ILE B 382 12.29 3.64 -16.55
C ILE B 382 11.02 3.86 -17.36
N ALA B 383 10.85 3.04 -18.40
CA ALA B 383 9.68 3.13 -19.27
C ALA B 383 8.41 3.30 -18.46
N GLN B 384 8.16 2.38 -17.52
CA GLN B 384 6.97 2.45 -16.68
C GLN B 384 6.90 3.81 -16.04
N PHE B 385 7.96 4.17 -15.33
CA PHE B 385 8.10 5.47 -14.67
C PHE B 385 7.57 6.55 -15.60
N ASP B 386 8.26 6.72 -16.72
CA ASP B 386 7.93 7.69 -17.74
C ASP B 386 6.44 7.89 -18.06
N ILE B 387 5.75 6.81 -18.43
CA ILE B 387 4.35 6.93 -18.76
C ILE B 387 3.66 7.67 -17.66
N MET B 388 3.59 7.02 -16.50
CA MET B 388 2.94 7.59 -15.33
C MET B 388 3.42 9.00 -15.05
N PHE B 389 4.72 9.13 -14.84
CA PHE B 389 5.30 10.41 -14.51
C PHE B 389 4.96 11.52 -15.49
N ASP B 390 5.08 11.25 -16.78
CA ASP B 390 4.78 12.27 -17.75
C ASP B 390 3.31 12.71 -17.70
N ASN B 391 2.48 11.96 -16.99
CA ASN B 391 1.07 12.31 -16.88
C ASN B 391 0.72 12.75 -15.47
N HIS B 392 1.75 12.89 -14.63
CA HIS B 392 1.48 13.29 -13.27
C HIS B 392 0.64 12.19 -12.66
N ALA B 393 1.08 10.95 -12.87
CA ALA B 393 0.42 9.77 -12.36
C ALA B 393 0.06 9.85 -10.88
N TYR B 394 1.03 9.67 -9.99
CA TYR B 394 0.69 9.76 -8.57
C TYR B 394 1.74 10.63 -7.92
N THR B 395 2.34 11.44 -8.78
CA THR B 395 3.40 12.37 -8.41
C THR B 395 3.11 13.20 -7.18
N HIS B 396 1.87 13.66 -7.01
CA HIS B 396 1.58 14.50 -5.86
C HIS B 396 1.78 13.88 -4.48
N TRP B 397 1.43 12.61 -4.33
CA TRP B 397 1.62 11.99 -3.03
C TRP B 397 3.08 12.07 -2.62
N TYR B 398 3.96 12.17 -3.61
CA TYR B 398 5.39 12.25 -3.38
C TYR B 398 5.84 13.67 -3.09
N GLU B 399 5.28 14.63 -3.81
CA GLU B 399 5.66 15.99 -3.60
C GLU B 399 5.23 16.46 -2.21
N ASN B 400 3.97 16.23 -1.87
CA ASN B 400 3.47 16.64 -0.56
C ASN B 400 4.18 15.89 0.55
N ALA B 401 5.14 15.07 0.18
CA ALA B 401 5.88 14.29 1.16
C ALA B 401 7.38 14.57 1.14
N GLY B 402 7.78 15.66 0.48
CA GLY B 402 9.18 16.02 0.45
C GLY B 402 10.01 15.44 -0.68
N VAL B 403 9.35 15.06 -1.76
CA VAL B 403 10.04 14.53 -2.93
C VAL B 403 9.39 15.16 -4.15
N SER B 404 10.01 16.21 -4.68
CA SER B 404 9.48 16.92 -5.84
C SER B 404 9.62 16.09 -7.11
N ARG B 405 8.93 16.52 -8.17
CA ARG B 405 9.02 15.78 -9.43
C ARG B 405 10.44 15.87 -9.98
N ASP B 406 11.09 17.01 -9.74
CA ASP B 406 12.45 17.17 -10.23
C ASP B 406 13.35 16.16 -9.55
N MET B 407 13.20 16.03 -8.24
CA MET B 407 14.00 15.08 -7.51
C MET B 407 13.75 13.71 -8.13
N MET B 408 12.48 13.39 -8.34
CA MET B 408 12.12 12.11 -8.93
C MET B 408 12.75 11.98 -10.30
N ALA B 409 12.60 13.02 -11.12
CA ALA B 409 13.15 13.00 -12.47
C ALA B 409 14.65 12.75 -12.43
N LYS B 410 15.33 13.41 -11.50
CA LYS B 410 16.78 13.24 -11.35
C LYS B 410 17.04 11.75 -11.09
N ALA B 411 16.30 11.19 -10.14
CA ALA B 411 16.43 9.78 -9.82
C ALA B 411 16.35 8.95 -11.09
N ARG B 412 15.33 9.21 -11.91
CA ARG B 412 15.18 8.45 -13.15
C ARG B 412 16.34 8.70 -14.11
N ASN B 413 16.59 9.97 -14.40
CA ASN B 413 17.66 10.35 -15.29
C ASN B 413 18.98 9.69 -14.91
N GLN B 414 19.22 9.58 -13.61
CA GLN B 414 20.45 8.95 -13.14
C GLN B 414 20.41 7.46 -13.45
N ILE B 415 19.34 6.78 -13.04
CA ILE B 415 19.24 5.34 -13.29
C ILE B 415 19.26 5.06 -14.79
N ALA B 416 18.79 6.01 -15.57
CA ALA B 416 18.75 5.87 -17.02
C ALA B 416 20.19 5.77 -17.52
N THR B 417 21.03 6.65 -17.00
CA THR B 417 22.44 6.67 -17.37
C THR B 417 23.11 5.36 -16.95
N LEU B 418 22.86 4.97 -15.70
CA LEU B 418 23.43 3.74 -15.15
C LEU B 418 23.22 2.62 -16.14
N ALA B 419 22.00 2.52 -16.69
CA ALA B 419 21.67 1.48 -17.65
C ALA B 419 22.36 1.73 -18.98
N GLN B 420 22.31 2.98 -19.45
CA GLN B 420 22.96 3.34 -20.71
C GLN B 420 24.42 2.93 -20.59
N SER B 421 24.96 3.15 -19.39
CA SER B 421 26.34 2.81 -19.05
C SER B 421 26.57 1.34 -19.37
N TYR B 422 25.85 0.48 -18.64
CA TYR B 422 25.96 -0.95 -18.85
C TYR B 422 25.80 -1.29 -20.33
N ARG B 423 24.90 -0.59 -21.00
CA ARG B 423 24.64 -0.85 -22.40
C ARG B 423 25.81 -0.58 -23.31
N ASP B 424 26.44 0.59 -23.16
CA ASP B 424 27.59 0.95 -24.00
C ASP B 424 28.82 0.11 -23.68
N ALA B 425 28.85 -0.49 -22.49
CA ALA B 425 29.97 -1.32 -22.08
C ALA B 425 30.01 -2.63 -22.85
N SER B 426 28.86 -3.02 -23.39
CA SER B 426 28.76 -4.26 -24.16
C SER B 426 29.55 -4.16 -25.46
PB GDP C . -28.64 18.38 6.67
O1B GDP C . -29.32 19.67 6.50
O2B GDP C . -28.80 17.66 7.92
O3B GDP C . -27.14 18.55 6.34
O3A GDP C . -29.09 17.44 5.48
PA GDP C . -29.63 15.95 5.58
O1A GDP C . -30.83 15.95 6.44
O2A GDP C . -28.49 15.05 5.87
O5' GDP C . -30.13 15.74 4.02
C5' GDP C . -29.30 16.13 2.89
C4' GDP C . -29.76 15.48 1.56
O4' GDP C . -29.37 14.12 1.59
C3' GDP C . -31.27 15.50 1.32
O3' GDP C . -31.63 16.54 0.40
C2' GDP C . -31.66 14.08 0.88
O2' GDP C . -31.87 13.89 -0.52
C1' GDP C . -30.50 13.24 1.40
N9 GDP C . -30.78 12.56 2.70
C8 GDP C . -31.41 12.99 3.85
N7 GDP C . -31.49 12.14 4.81
C5 GDP C . -30.88 11.02 4.27
C6 GDP C . -30.63 9.71 4.86
O6 GDP C . -30.94 9.31 5.98
N1 GDP C . -29.95 8.84 3.96
C2 GDP C . -29.55 9.17 2.67
N2 GDP C . -28.93 8.22 1.97
N3 GDP C . -29.77 10.39 2.11
C4 GDP C . -30.43 11.25 2.98
S SO4 D . 7.40 -3.08 1.94
O1 SO4 D . 7.64 -3.69 3.42
O2 SO4 D . 7.08 -4.24 1.09
O3 SO4 D . 6.45 -2.18 2.00
O4 SO4 D . 8.70 -2.59 1.56
S SO4 E . 0.97 1.92 7.04
O1 SO4 E . 0.14 3.32 7.05
O2 SO4 E . 0.99 1.48 8.41
O3 SO4 E . 0.40 1.05 6.23
O4 SO4 E . 2.29 2.35 6.66
S SO4 F . 6.94 19.84 -14.66
O1 SO4 F . 7.59 19.59 -13.18
O2 SO4 F . 7.77 20.85 -15.27
O3 SO4 F . 6.90 18.73 -15.34
O4 SO4 F . 5.65 20.42 -14.33
S SO4 G . 16.28 8.67 -22.32
O1 SO4 G . 16.61 9.44 -20.94
O2 SO4 G . 17.49 7.93 -22.64
O3 SO4 G . 15.24 7.89 -22.17
O4 SO4 G . 16.11 9.75 -23.25
#